data_6KF7
#
_entry.id   6KF7
#
_cell.length_a   70.657
_cell.length_b   129.715
_cell.length_c   219.464
_cell.angle_alpha   90.000
_cell.angle_beta   90.000
_cell.angle_gamma   90.000
#
_symmetry.space_group_name_H-M   'P 21 2 21'
#
loop_
_entity.id
_entity.type
_entity.pdbx_description
1 polymer Lipase
2 non-polymer '(4-nitrophenyl) hexanoate'
3 non-polymer 'SULFATE ION'
4 non-polymer 1,2-ETHANEDIOL
5 non-polymer GLYCEROL
6 non-polymer 'HEXANOIC ACID'
7 non-polymer 'TRIETHYLENE GLYCOL'
8 non-polymer P-NITROPHENOL
9 water water
#
_entity_poly.entity_id   1
_entity_poly.type   'polypeptide(L)'
_entity_poly.pdbx_seq_one_letter_code
;MTDTPFIRPDMKAFLEAIAAMAGPTLAEMTLEEARASYVALHGMADRPARELAVIRNLSCPGPAGDIPLRLYDARESREA
GPVITFYHGGGFVIGDLDTHHNLCTEIAALMDLPVVAVDYRLAPEHPFPAAIEDCEAATRWVASSPSELGRTASGVIPIG
DSAGGNATIVVSQLLGAKPADVPVVLQVPIFPLASDAVGSASLEAFAEGFVLTKASIEFFDTAYKADRADPRGFPILGDH
TAAPPTIVATASLDPIRDSGRDYAKALVEAGRDVVYLEMEGVTHGFTNIRAAVPSTQGDLERIIAAMKMMLGTA
;
_entity_poly.pdbx_strand_id   A,B,C,D
#
# COMPACT_ATOMS: atom_id res chain seq x y z
N THR A 4 -22.07 7.51 -13.62
CA THR A 4 -21.09 7.49 -12.54
C THR A 4 -20.15 8.69 -12.65
N PRO A 5 -19.74 9.24 -11.51
CA PRO A 5 -18.82 10.37 -11.55
C PRO A 5 -17.42 9.93 -11.92
N PHE A 6 -16.65 10.89 -12.46
CA PHE A 6 -15.28 10.58 -12.88
C PHE A 6 -14.39 10.27 -11.69
N ILE A 7 -13.64 9.17 -11.80
CA ILE A 7 -12.66 8.76 -10.80
C ILE A 7 -11.37 8.42 -11.51
N ARG A 8 -10.24 8.94 -11.02
CA ARG A 8 -8.95 8.59 -11.60
C ARG A 8 -8.67 7.10 -11.39
N PRO A 9 -8.00 6.46 -12.36
CA PRO A 9 -7.70 5.02 -12.18
C PRO A 9 -6.92 4.71 -10.91
N ASP A 10 -5.91 5.52 -10.54
CA ASP A 10 -5.20 5.19 -9.31
C ASP A 10 -6.06 5.43 -8.08
N MET A 11 -6.94 6.45 -8.13
CA MET A 11 -7.90 6.66 -7.04
C MET A 11 -8.87 5.48 -6.94
N LYS A 12 -9.34 4.99 -8.08
CA LYS A 12 -10.33 3.91 -8.06
C LYS A 12 -9.73 2.63 -7.47
N ALA A 13 -8.47 2.32 -7.79
CA ALA A 13 -7.81 1.15 -7.21
C ALA A 13 -7.72 1.25 -5.70
N PHE A 14 -7.41 2.45 -5.19
CA PHE A 14 -7.38 2.66 -3.74
C PHE A 14 -8.76 2.43 -3.13
N LEU A 15 -9.81 2.95 -3.78
CA LEU A 15 -11.16 2.74 -3.26
C LEU A 15 -11.51 1.25 -3.26
N GLU A 16 -11.10 0.53 -4.31
CA GLU A 16 -11.39 -0.90 -4.38
C GLU A 16 -10.69 -1.65 -3.26
N ALA A 17 -9.46 -1.26 -2.95
CA ALA A 17 -8.75 -1.89 -1.84
C ALA A 17 -9.47 -1.64 -0.51
N ILE A 18 -9.98 -0.42 -0.30
CA ILE A 18 -10.71 -0.13 0.93
C ILE A 18 -11.98 -0.97 1.00
N ALA A 19 -12.71 -1.05 -0.12
CA ALA A 19 -13.95 -1.80 -0.14
C ALA A 19 -13.70 -3.28 0.12
N ALA A 20 -12.64 -3.84 -0.47
CA ALA A 20 -12.32 -5.25 -0.27
C ALA A 20 -12.04 -5.54 1.19
N MET A 21 -11.40 -4.60 1.88
CA MET A 21 -11.09 -4.78 3.29
C MET A 21 -12.37 -4.94 4.12
N ALA A 22 -13.42 -4.20 3.76
CA ALA A 22 -14.75 -4.38 4.37
C ALA A 22 -14.68 -4.30 5.90
N GLY A 23 -14.00 -3.27 6.40
CA GLY A 23 -13.78 -3.13 7.82
C GLY A 23 -15.00 -2.56 8.52
N PRO A 24 -14.88 -2.42 9.84
CA PRO A 24 -15.96 -1.80 10.62
C PRO A 24 -15.97 -0.29 10.44
N THR A 25 -17.12 0.31 10.77
CA THR A 25 -17.22 1.76 10.83
C THR A 25 -16.48 2.29 12.05
N LEU A 26 -16.17 3.59 12.02
CA LEU A 26 -15.52 4.21 13.17
C LEU A 26 -16.32 3.99 14.44
N ALA A 27 -17.65 4.03 14.34
CA ALA A 27 -18.49 3.90 15.52
C ALA A 27 -18.44 2.48 16.07
N GLU A 28 -18.21 1.49 15.22
CA GLU A 28 -18.11 0.09 15.65
C GLU A 28 -16.76 -0.25 16.27
N MET A 29 -15.75 0.60 16.11
CA MET A 29 -14.47 0.39 16.75
C MET A 29 -14.44 1.04 18.12
N THR A 30 -13.47 0.63 18.94
CA THR A 30 -13.19 1.48 20.09
C THR A 30 -12.60 2.79 19.60
N LEU A 31 -12.69 3.81 20.44
CA LEU A 31 -12.14 5.12 20.08
C LEU A 31 -10.66 5.01 19.71
N GLU A 32 -9.87 4.30 20.53
CA GLU A 32 -8.44 4.17 20.21
C GLU A 32 -8.21 3.36 18.94
N GLU A 33 -9.08 2.38 18.67
CA GLU A 33 -8.98 1.66 17.40
C GLU A 33 -9.28 2.58 16.22
N ALA A 34 -10.27 3.46 16.36
CA ALA A 34 -10.56 4.42 15.30
C ALA A 34 -9.36 5.32 15.05
N ARG A 35 -8.77 5.83 16.13
CA ARG A 35 -7.57 6.66 15.97
C ARG A 35 -6.45 5.88 15.31
N ALA A 36 -6.26 4.63 15.71
CA ALA A 36 -5.19 3.81 15.12
C ALA A 36 -5.46 3.51 13.65
N SER A 37 -6.73 3.32 13.27
CA SER A 37 -7.03 3.03 11.87
C SER A 37 -6.62 4.20 10.98
N TYR A 38 -6.68 5.43 11.50
CA TYR A 38 -6.32 6.62 10.74
C TYR A 38 -4.81 6.76 10.62
N VAL A 39 -4.09 6.48 11.71
CA VAL A 39 -2.63 6.41 11.65
C VAL A 39 -2.19 5.42 10.58
N ALA A 40 -2.84 4.25 10.54
CA ALA A 40 -2.45 3.24 9.55
C ALA A 40 -2.84 3.65 8.14
N LEU A 41 -3.99 4.31 7.99
CA LEU A 41 -4.44 4.73 6.67
C LEU A 41 -3.44 5.69 6.04
N HIS A 42 -3.09 6.77 6.75
CA HIS A 42 -2.11 7.70 6.23
C HIS A 42 -0.72 7.09 6.25
N GLY A 43 -0.44 6.30 7.29
CA GLY A 43 0.88 5.73 7.42
C GLY A 43 1.22 4.85 6.24
N MET A 44 0.26 4.08 5.76
CA MET A 44 0.50 3.15 4.68
C MET A 44 0.15 3.71 3.30
N ALA A 45 -0.46 4.89 3.22
CA ALA A 45 -0.80 5.47 1.93
C ALA A 45 0.02 6.69 1.55
N ASP A 46 0.61 7.40 2.50
CA ASP A 46 1.26 8.66 2.15
C ASP A 46 2.72 8.44 1.78
N ARG A 47 3.27 9.42 1.05
CA ARG A 47 4.70 9.43 0.78
C ARG A 47 5.49 9.58 2.08
N PRO A 48 6.75 9.15 2.08
CA PRO A 48 7.59 9.35 3.26
C PRO A 48 7.88 10.82 3.51
N ALA A 49 8.28 11.11 4.74
CA ALA A 49 8.65 12.47 5.13
C ALA A 49 9.85 12.95 4.32
N ARG A 50 9.84 14.24 4.00
CA ARG A 50 11.04 14.90 3.51
C ARG A 50 12.06 15.02 4.62
N GLU A 51 13.33 15.02 4.24
CA GLU A 51 14.40 15.37 5.17
C GLU A 51 14.44 16.88 5.29
N LEU A 52 14.47 17.38 6.52
CA LEU A 52 14.49 18.81 6.79
C LEU A 52 15.63 19.13 7.74
N ALA A 53 16.04 20.40 7.73
CA ALA A 53 17.05 20.84 8.70
C ALA A 53 16.49 20.81 10.11
N VAL A 54 15.24 21.20 10.30
CA VAL A 54 14.66 21.34 11.63
C VAL A 54 13.33 20.61 11.67
N ILE A 55 13.21 19.65 12.59
CA ILE A 55 11.94 19.05 12.98
C ILE A 55 11.98 18.97 14.50
N ARG A 56 11.19 19.80 15.17
CA ARG A 56 11.41 20.03 16.60
C ARG A 56 10.08 20.06 17.33
N ASN A 57 9.98 19.27 18.40
CA ASN A 57 8.80 19.33 19.26
C ASN A 57 8.92 20.49 20.24
N LEU A 58 7.81 21.18 20.46
CA LEU A 58 7.77 22.25 21.46
C LEU A 58 6.34 22.39 21.93
N SER A 59 6.07 23.43 22.71
CA SER A 59 4.72 23.63 23.22
C SER A 59 4.54 25.11 23.53
N CYS A 60 3.29 25.51 23.64
CA CYS A 60 2.97 26.88 24.03
C CYS A 60 1.85 26.85 25.04
N PRO A 61 1.66 27.93 25.80
CA PRO A 61 0.55 27.97 26.75
C PRO A 61 -0.79 28.03 26.05
N GLY A 62 -1.76 27.34 26.63
CA GLY A 62 -3.12 27.38 26.15
C GLY A 62 -4.10 27.51 27.30
N PRO A 63 -5.38 27.75 27.00
CA PRO A 63 -6.35 27.96 28.09
C PRO A 63 -6.57 26.73 28.96
N ALA A 64 -6.32 25.53 28.46
CA ALA A 64 -6.49 24.32 29.25
C ALA A 64 -5.18 23.78 29.79
N GLY A 65 -4.05 24.34 29.40
CA GLY A 65 -2.74 23.80 29.68
C GLY A 65 -1.88 23.92 28.45
N ASP A 66 -0.69 23.32 28.50
CA ASP A 66 0.24 23.43 27.38
C ASP A 66 -0.30 22.75 26.13
N ILE A 67 -0.02 23.35 24.98
CA ILE A 67 -0.42 22.85 23.67
C ILE A 67 0.84 22.30 22.99
N PRO A 68 0.92 21.01 22.68
CA PRO A 68 2.10 20.49 21.97
C PRO A 68 2.11 20.98 20.53
N LEU A 69 3.30 21.27 20.02
CA LEU A 69 3.51 21.80 18.69
C LEU A 69 4.67 21.03 18.05
N ARG A 70 4.69 21.02 16.72
CA ARG A 70 5.86 20.51 15.99
C ARG A 70 6.27 21.53 14.94
N LEU A 71 7.53 21.95 15.00
CA LEU A 71 8.10 22.90 14.06
C LEU A 71 8.85 22.15 12.97
N TYR A 72 8.62 22.55 11.72
CA TYR A 72 9.27 21.98 10.54
C TYR A 72 9.93 23.12 9.78
N ASP A 73 11.22 22.99 9.47
CA ASP A 73 11.84 24.01 8.65
C ASP A 73 12.96 23.39 7.82
N ALA A 74 12.93 23.67 6.52
CA ALA A 74 14.02 23.27 5.64
C ALA A 74 15.32 24.00 5.94
N ARG A 75 15.25 25.09 6.71
CA ARG A 75 16.42 25.91 7.03
C ARG A 75 16.66 25.93 8.53
N GLU A 76 17.93 25.83 8.93
CA GLU A 76 18.26 25.98 10.34
C GLU A 76 18.11 27.42 10.80
N SER A 77 18.37 28.37 9.91
CA SER A 77 18.21 29.78 10.24
C SER A 77 17.53 30.48 9.07
N ARG A 78 16.65 31.43 9.37
CA ARG A 78 16.01 32.16 8.29
C ARG A 78 15.57 33.52 8.79
N GLU A 79 15.49 34.46 7.85
CA GLU A 79 15.05 35.80 8.13
C GLU A 79 13.55 35.81 8.44
N ALA A 80 13.09 36.94 8.97
CA ALA A 80 11.68 37.13 9.23
C ALA A 80 10.85 36.90 7.97
N GLY A 81 9.70 36.27 8.13
CA GLY A 81 8.80 36.04 7.03
C GLY A 81 7.54 35.40 7.55
N PRO A 82 6.62 35.06 6.66
CA PRO A 82 5.37 34.41 7.12
C PRO A 82 5.66 33.02 7.69
N VAL A 83 4.84 32.61 8.64
CA VAL A 83 4.96 31.30 9.25
C VAL A 83 3.65 30.56 9.03
N ILE A 84 3.76 29.32 8.56
CA ILE A 84 2.58 28.50 8.32
C ILE A 84 2.15 27.85 9.62
N THR A 85 0.86 27.95 9.94
CA THR A 85 0.32 27.34 11.16
C THR A 85 -0.69 26.30 10.71
N PHE A 86 -0.39 25.03 10.97
CA PHE A 86 -1.11 23.91 10.39
C PHE A 86 -1.96 23.20 11.43
N TYR A 87 -3.19 22.83 11.05
CA TYR A 87 -4.14 22.11 11.89
C TYR A 87 -4.60 20.86 11.16
N HIS A 88 -4.37 19.69 11.77
CA HIS A 88 -4.63 18.43 11.05
C HIS A 88 -6.13 18.12 10.97
N GLY A 89 -6.47 17.28 10.00
CA GLY A 89 -7.80 16.74 9.88
C GLY A 89 -8.05 15.53 10.79
N GLY A 90 -9.29 15.02 10.71
CA GLY A 90 -9.73 13.92 11.54
C GLY A 90 -10.99 14.20 12.32
N GLY A 91 -11.83 15.11 11.84
CA GLY A 91 -13.13 15.38 12.45
C GLY A 91 -13.11 15.95 13.87
N PHE A 92 -11.97 16.46 14.33
CA PHE A 92 -11.74 16.89 15.70
C PHE A 92 -11.78 15.74 16.70
N VAL A 93 -11.69 14.50 16.20
CA VAL A 93 -11.72 13.30 17.03
C VAL A 93 -10.45 12.47 16.89
N ILE A 94 -9.96 12.30 15.65
CA ILE A 94 -8.77 11.50 15.40
C ILE A 94 -7.70 12.36 14.73
N GLY A 95 -6.57 11.76 14.39
CA GLY A 95 -5.42 12.49 13.89
C GLY A 95 -4.59 13.07 15.01
N ASP A 96 -3.33 13.36 14.68
CA ASP A 96 -2.41 13.98 15.63
C ASP A 96 -1.21 14.52 14.85
N LEU A 97 -0.09 14.76 15.55
CA LEU A 97 1.08 15.30 14.86
C LEU A 97 1.70 14.28 13.91
N ASP A 98 1.49 12.98 14.16
CA ASP A 98 2.10 11.97 13.31
C ASP A 98 1.26 11.66 12.08
N THR A 99 -0.08 11.70 12.18
CA THR A 99 -0.89 11.35 11.02
C THR A 99 -0.66 12.30 9.86
N HIS A 100 -0.23 13.52 10.15
CA HIS A 100 -0.05 14.53 9.11
C HIS A 100 1.40 14.96 9.01
N HIS A 101 2.30 14.26 9.72
CA HIS A 101 3.71 14.63 9.78
C HIS A 101 4.34 14.70 8.39
N ASN A 102 4.15 13.65 7.58
CA ASN A 102 4.80 13.61 6.28
C ASN A 102 4.33 14.75 5.40
N LEU A 103 3.00 14.98 5.38
CA LEU A 103 2.47 16.13 4.65
C LEU A 103 3.09 17.43 5.12
N CYS A 104 3.22 17.60 6.44
CA CYS A 104 3.86 18.81 6.96
C CYS A 104 5.28 18.99 6.45
N THR A 105 6.06 17.90 6.41
CA THR A 105 7.43 18.06 5.89
C THR A 105 7.41 18.44 4.42
N GLU A 106 6.42 17.94 3.68
CA GLU A 106 6.29 18.27 2.26
C GLU A 106 5.93 19.74 2.07
N ILE A 107 4.97 20.25 2.86
CA ILE A 107 4.64 21.67 2.77
C ILE A 107 5.86 22.52 3.09
N ALA A 108 6.58 22.19 4.17
CA ALA A 108 7.76 22.95 4.53
C ALA A 108 8.80 22.91 3.42
N ALA A 109 9.03 21.75 2.83
CA ALA A 109 10.05 21.63 1.80
C ALA A 109 9.66 22.40 0.54
N LEU A 110 8.40 22.27 0.11
CA LEU A 110 8.00 22.87 -1.16
C LEU A 110 7.74 24.38 -1.03
N MET A 111 7.31 24.85 0.14
CA MET A 111 7.10 26.28 0.32
C MET A 111 8.37 27.02 0.72
N ASP A 112 9.35 26.33 1.30
CA ASP A 112 10.52 26.97 1.90
C ASP A 112 10.05 28.04 2.89
N LEU A 113 9.15 27.64 3.77
CA LEU A 113 8.68 28.43 4.90
C LEU A 113 8.60 27.50 6.10
N PRO A 114 8.71 28.04 7.31
CA PRO A 114 8.51 27.20 8.49
C PRO A 114 7.05 26.86 8.66
N VAL A 115 6.81 25.65 9.15
CA VAL A 115 5.47 25.12 9.43
C VAL A 115 5.42 24.75 10.90
N VAL A 116 4.40 25.25 11.61
CA VAL A 116 4.15 24.84 12.98
C VAL A 116 2.82 24.09 13.00
N ALA A 117 2.87 22.80 13.28
CA ALA A 117 1.65 21.99 13.41
C ALA A 117 1.18 21.98 14.85
N VAL A 118 -0.14 21.97 15.04
CA VAL A 118 -0.75 22.10 16.36
C VAL A 118 -1.37 20.78 16.79
N ASP A 119 -0.98 20.30 17.97
CA ASP A 119 -1.57 19.09 18.54
C ASP A 119 -2.75 19.48 19.44
N TYR A 120 -3.83 19.92 18.81
CA TYR A 120 -4.96 20.47 19.56
C TYR A 120 -5.75 19.37 20.28
N ARG A 121 -6.43 19.77 21.35
CA ARG A 121 -7.25 18.83 22.12
C ARG A 121 -8.38 18.26 21.26
N LEU A 122 -8.65 16.96 21.46
CA LEU A 122 -9.60 16.22 20.64
C LEU A 122 -10.87 15.88 21.41
N ALA A 123 -11.96 15.78 20.66
CA ALA A 123 -13.19 15.17 21.16
C ALA A 123 -13.08 13.65 21.01
N PRO A 124 -13.93 12.89 21.73
CA PRO A 124 -15.01 13.30 22.62
C PRO A 124 -14.52 13.79 23.97
N GLU A 125 -13.25 13.52 24.32
CA GLU A 125 -12.73 13.93 25.62
C GLU A 125 -12.86 15.44 25.83
N HIS A 126 -12.63 16.22 24.79
CA HIS A 126 -12.67 17.68 24.84
C HIS A 126 -13.60 18.13 23.73
N PRO A 127 -14.86 18.39 24.02
CA PRO A 127 -15.81 18.76 22.97
C PRO A 127 -15.55 20.18 22.48
N PHE A 128 -16.23 20.51 21.40
CA PHE A 128 -16.29 21.88 20.88
C PHE A 128 -16.43 22.88 22.02
N PRO A 129 -15.70 24.02 22.00
CA PRO A 129 -14.74 24.46 20.98
C PRO A 129 -13.28 24.19 21.34
N ALA A 130 -13.00 23.10 22.06
CA ALA A 130 -11.63 22.88 22.53
C ALA A 130 -10.61 22.94 21.40
N ALA A 131 -10.88 22.24 20.29
CA ALA A 131 -9.91 22.25 19.20
C ALA A 131 -9.65 23.67 18.71
N ILE A 132 -10.71 24.47 18.58
CA ILE A 132 -10.59 25.85 18.13
C ILE A 132 -9.78 26.68 19.13
N GLU A 133 -10.04 26.51 20.43
CA GLU A 133 -9.25 27.21 21.45
C GLU A 133 -7.76 26.98 21.26
N ASP A 134 -7.35 25.73 21.03
CA ASP A 134 -5.92 25.43 20.94
C ASP A 134 -5.35 25.93 19.63
N CYS A 135 -6.10 25.77 18.53
CA CYS A 135 -5.62 26.29 17.24
C CYS A 135 -5.45 27.79 17.27
N GLU A 136 -6.44 28.50 17.83
CA GLU A 136 -6.30 29.95 17.95
C GLU A 136 -5.13 30.34 18.84
N ALA A 137 -5.01 29.71 20.01
CA ALA A 137 -3.96 30.10 20.94
C ALA A 137 -2.58 29.83 20.35
N ALA A 138 -2.40 28.68 19.71
CA ALA A 138 -1.11 28.38 19.08
C ALA A 138 -0.78 29.35 17.95
N THR A 139 -1.78 29.71 17.15
CA THR A 139 -1.52 30.65 16.05
C THR A 139 -1.14 32.02 16.58
N ARG A 140 -1.87 32.53 17.60
CA ARG A 140 -1.49 33.79 18.23
C ARG A 140 -0.08 33.73 18.82
N TRP A 141 0.27 32.59 19.43
CA TRP A 141 1.60 32.44 20.01
C TRP A 141 2.67 32.51 18.94
N VAL A 142 2.48 31.78 17.83
CA VAL A 142 3.43 31.86 16.72
C VAL A 142 3.54 33.29 16.21
N ALA A 143 2.40 33.96 16.07
CA ALA A 143 2.37 35.31 15.55
C ALA A 143 3.12 36.30 16.44
N SER A 144 3.41 35.93 17.68
CA SER A 144 4.12 36.80 18.60
C SER A 144 5.64 36.66 18.50
N SER A 145 6.13 35.82 17.59
CA SER A 145 7.55 35.54 17.43
C SER A 145 8.24 35.21 18.75
N PRO A 146 7.82 34.14 19.43
CA PRO A 146 8.45 33.80 20.71
C PRO A 146 9.86 33.28 20.50
N SER A 147 10.71 33.49 21.50
CA SER A 147 12.10 33.08 21.36
C SER A 147 12.23 31.57 21.14
N GLU A 148 11.35 30.78 21.78
CA GLU A 148 11.41 29.33 21.65
C GLU A 148 11.19 28.86 20.21
N LEU A 149 10.53 29.66 19.38
CA LEU A 149 10.31 29.25 18.00
C LEU A 149 11.55 29.49 17.14
N GLY A 150 12.39 30.45 17.50
CA GLY A 150 13.62 30.67 16.78
C GLY A 150 13.44 31.21 15.38
N ARG A 151 12.24 31.68 15.07
CA ARG A 151 11.93 32.28 13.78
C ARG A 151 11.02 33.45 14.02
N THR A 152 11.23 34.54 13.30
CA THR A 152 10.40 35.72 13.45
C THR A 152 9.29 35.70 12.42
N ALA A 153 8.06 35.97 12.86
CA ALA A 153 6.89 35.94 11.99
C ALA A 153 6.51 37.36 11.59
N SER A 154 6.48 37.61 10.28
CA SER A 154 5.89 38.83 9.75
C SER A 154 4.41 38.67 9.46
N GLY A 155 3.92 37.45 9.47
CA GLY A 155 2.54 37.13 9.17
C GLY A 155 2.35 35.66 9.46
N VAL A 156 1.10 35.22 9.51
CA VAL A 156 0.84 33.80 9.69
C VAL A 156 -0.03 33.31 8.54
N ILE A 157 0.09 32.01 8.25
CA ILE A 157 -0.64 31.36 7.17
C ILE A 157 -1.39 30.17 7.77
N PRO A 158 -2.64 30.32 8.19
CA PRO A 158 -3.41 29.16 8.66
C PRO A 158 -3.71 28.22 7.49
N ILE A 159 -3.54 26.93 7.76
CA ILE A 159 -3.74 25.90 6.74
C ILE A 159 -4.16 24.63 7.47
N GLY A 160 -5.05 23.86 6.86
CA GLY A 160 -5.45 22.60 7.46
C GLY A 160 -6.42 21.89 6.56
N ASP A 161 -6.52 20.58 6.78
CA ASP A 161 -7.38 19.72 5.98
C ASP A 161 -8.59 19.28 6.80
N SER A 162 -9.76 19.27 6.15
CA SER A 162 -10.97 18.69 6.74
C SER A 162 -11.37 19.49 7.98
N ALA A 163 -11.41 18.86 9.16
CA ALA A 163 -11.63 19.62 10.38
C ALA A 163 -10.57 20.71 10.53
N GLY A 164 -9.35 20.45 10.07
CA GLY A 164 -8.32 21.46 10.12
C GLY A 164 -8.61 22.63 9.18
N GLY A 165 -9.35 22.37 8.11
CA GLY A 165 -9.79 23.44 7.23
C GLY A 165 -10.91 24.25 7.85
N ASN A 166 -11.79 23.60 8.61
CA ASN A 166 -12.71 24.31 9.48
C ASN A 166 -11.94 25.21 10.46
N ALA A 167 -10.95 24.64 11.15
CA ALA A 167 -10.15 25.42 12.11
C ALA A 167 -9.43 26.58 11.43
N THR A 168 -8.93 26.35 10.21
CA THR A 168 -8.27 27.42 9.44
C THR A 168 -9.17 28.65 9.31
N ILE A 169 -10.42 28.43 8.88
CA ILE A 169 -11.33 29.55 8.64
C ILE A 169 -11.71 30.21 9.97
N VAL A 170 -11.97 29.40 10.98
CA VAL A 170 -12.36 29.94 12.29
C VAL A 170 -11.22 30.78 12.87
N VAL A 171 -9.99 30.27 12.80
CA VAL A 171 -8.83 31.02 13.29
C VAL A 171 -8.71 32.35 12.54
N SER A 172 -8.84 32.32 11.20
CA SER A 172 -8.78 33.56 10.44
C SER A 172 -9.86 34.54 10.86
N GLN A 173 -11.06 34.04 11.14
CA GLN A 173 -12.14 34.91 11.59
C GLN A 173 -11.87 35.46 12.99
N LEU A 174 -11.35 34.64 13.90
CA LEU A 174 -11.09 35.10 15.26
C LEU A 174 -9.96 36.12 15.29
N LEU A 175 -8.92 35.89 14.50
CA LEU A 175 -7.82 36.84 14.42
C LEU A 175 -8.22 38.09 13.64
N GLY A 176 -9.15 37.95 12.71
CA GLY A 176 -9.66 39.14 12.04
C GLY A 176 -10.41 40.04 13.01
N ALA A 177 -11.16 39.44 13.94
CA ALA A 177 -11.92 40.23 14.89
C ALA A 177 -11.05 40.83 15.99
N LYS A 178 -10.04 40.09 16.45
CA LYS A 178 -9.09 40.52 17.48
C LYS A 178 -7.70 40.18 17.00
N PRO A 179 -7.03 41.11 16.31
CA PRO A 179 -5.76 40.78 15.65
C PRO A 179 -4.70 40.24 16.60
N ALA A 180 -3.87 39.35 16.06
CA ALA A 180 -2.65 38.91 16.73
C ALA A 180 -1.55 39.93 16.47
N ASP A 181 -0.31 39.61 16.85
CA ASP A 181 0.78 40.56 16.68
C ASP A 181 1.10 40.83 15.22
N VAL A 182 0.78 39.90 14.32
CA VAL A 182 0.91 40.10 12.87
C VAL A 182 -0.34 39.54 12.21
N PRO A 183 -0.62 39.94 10.98
CA PRO A 183 -1.88 39.55 10.34
C PRO A 183 -1.82 38.15 9.74
N VAL A 184 -3.03 37.62 9.51
CA VAL A 184 -3.18 36.47 8.62
C VAL A 184 -2.96 36.97 7.20
N VAL A 185 -1.90 36.51 6.54
CA VAL A 185 -1.61 37.02 5.20
C VAL A 185 -2.22 36.13 4.13
N LEU A 186 -2.61 34.91 4.47
CA LEU A 186 -3.19 33.96 3.54
C LEU A 186 -3.77 32.83 4.36
N GLN A 187 -4.93 32.30 3.97
CA GLN A 187 -5.44 31.09 4.62
C GLN A 187 -5.70 30.03 3.55
N VAL A 188 -5.51 28.77 3.94
CA VAL A 188 -5.60 27.68 2.96
C VAL A 188 -6.46 26.56 3.56
N PRO A 189 -7.79 26.70 3.58
CA PRO A 189 -8.66 25.59 4.02
C PRO A 189 -8.77 24.54 2.91
N ILE A 190 -8.36 23.32 3.24
CA ILE A 190 -8.30 22.20 2.31
C ILE A 190 -9.41 21.24 2.69
N PHE A 191 -10.25 20.89 1.70
CA PHE A 191 -11.57 20.25 1.85
C PHE A 191 -12.18 20.54 3.22
N PRO A 192 -12.47 21.82 3.49
CA PRO A 192 -12.97 22.20 4.82
C PRO A 192 -14.45 21.89 5.01
N LEU A 193 -14.81 21.76 6.28
CA LEU A 193 -16.21 21.83 6.69
C LEU A 193 -16.48 23.27 7.11
N ALA A 194 -17.17 24.03 6.26
CA ALA A 194 -17.50 25.43 6.54
C ALA A 194 -18.98 25.63 6.80
N SER A 195 -19.83 25.12 5.92
CA SER A 195 -21.26 24.99 6.13
C SER A 195 -21.61 23.57 6.56
N ASP A 196 -22.72 23.46 7.29
CA ASP A 196 -23.26 22.16 7.65
C ASP A 196 -23.52 21.33 6.40
N ALA A 197 -22.95 20.11 6.36
CA ALA A 197 -23.09 19.27 5.18
C ALA A 197 -24.43 18.57 5.09
N VAL A 198 -25.17 18.48 6.20
CA VAL A 198 -26.47 17.83 6.16
C VAL A 198 -27.35 18.53 5.14
N GLY A 199 -27.96 17.75 4.25
CA GLY A 199 -28.80 18.29 3.21
C GLY A 199 -28.10 18.63 1.92
N SER A 200 -26.77 18.63 1.89
CA SER A 200 -26.07 18.93 0.65
C SER A 200 -26.17 17.78 -0.34
N ALA A 201 -26.11 18.14 -1.63
CA ALA A 201 -26.11 17.13 -2.68
C ALA A 201 -24.86 16.26 -2.61
N SER A 202 -23.70 16.84 -2.31
CA SER A 202 -22.48 16.03 -2.27
C SER A 202 -22.55 14.97 -1.18
N LEU A 203 -23.17 15.31 -0.04
CA LEU A 203 -23.23 14.34 1.06
C LEU A 203 -24.04 13.12 0.65
N GLU A 204 -25.15 13.31 -0.06
CA GLU A 204 -25.93 12.17 -0.50
C GLU A 204 -25.24 11.42 -1.64
N ALA A 205 -24.62 12.15 -2.57
CA ALA A 205 -23.98 11.50 -3.72
C ALA A 205 -22.79 10.65 -3.29
N PHE A 206 -22.04 11.09 -2.28
CA PHE A 206 -20.80 10.42 -1.90
C PHE A 206 -20.85 9.90 -0.47
N ALA A 207 -22.04 9.48 -0.03
CA ALA A 207 -22.24 9.06 1.36
C ALA A 207 -21.44 7.81 1.70
N GLU A 208 -21.19 6.94 0.72
CA GLU A 208 -20.45 5.71 0.94
C GLU A 208 -19.48 5.47 -0.20
N GLY A 209 -18.34 4.87 0.14
CA GLY A 209 -17.41 4.38 -0.85
C GLY A 209 -16.35 5.37 -1.30
N PHE A 210 -16.19 6.50 -0.62
CA PHE A 210 -15.24 7.52 -1.06
C PHE A 210 -14.36 7.99 0.09
N VAL A 211 -13.88 7.04 0.90
CA VAL A 211 -12.94 7.22 2.01
C VAL A 211 -13.66 7.87 3.19
N LEU A 212 -14.00 9.16 3.07
CA LEU A 212 -14.83 9.82 4.07
C LEU A 212 -16.28 9.44 3.80
N THR A 213 -16.97 8.91 4.82
CA THR A 213 -18.34 8.47 4.68
C THR A 213 -19.27 9.33 5.52
N LYS A 214 -20.55 9.33 5.14
CA LYS A 214 -21.58 9.96 5.95
C LYS A 214 -21.57 9.40 7.38
N ALA A 215 -21.38 8.10 7.53
CA ALA A 215 -21.36 7.53 8.88
C ALA A 215 -20.23 8.13 9.71
N SER A 216 -19.05 8.31 9.11
CA SER A 216 -17.94 8.90 9.83
C SER A 216 -18.23 10.35 10.20
N ILE A 217 -18.79 11.11 9.25
CA ILE A 217 -19.15 12.49 9.53
C ILE A 217 -20.08 12.56 10.75
N GLU A 218 -21.05 11.64 10.83
CA GLU A 218 -21.98 11.61 11.95
C GLU A 218 -21.27 11.22 13.25
N PHE A 219 -20.35 10.26 13.18
CA PHE A 219 -19.57 9.87 14.35
C PHE A 219 -18.76 11.04 14.90
N PHE A 220 -18.09 11.79 14.01
CA PHE A 220 -17.34 12.96 14.43
C PHE A 220 -18.25 14.01 15.06
N ASP A 221 -19.41 14.24 14.43
CA ASP A 221 -20.33 15.27 14.91
C ASP A 221 -20.87 14.95 16.30
N THR A 222 -21.19 13.68 16.55
CA THR A 222 -21.67 13.28 17.87
C THR A 222 -20.60 13.47 18.94
N ALA A 223 -19.33 13.26 18.59
CA ALA A 223 -18.27 13.41 19.59
C ALA A 223 -17.93 14.87 19.86
N TYR A 224 -17.87 15.70 18.80
CA TYR A 224 -17.43 17.08 18.91
C TYR A 224 -18.52 18.01 19.44
N LYS A 225 -19.77 17.83 19.00
CA LYS A 225 -20.93 18.56 19.53
C LYS A 225 -20.86 20.06 19.23
N ALA A 226 -20.48 20.41 18.00
CA ALA A 226 -20.51 21.81 17.59
C ALA A 226 -21.93 22.34 17.53
N ASP A 227 -22.10 23.56 18.03
CA ASP A 227 -23.38 24.26 18.01
C ASP A 227 -23.66 24.76 16.59
N ARG A 228 -24.80 24.35 16.02
CA ARG A 228 -25.08 24.71 14.62
C ARG A 228 -25.30 26.19 14.40
N ALA A 229 -25.47 26.98 15.46
CA ALA A 229 -25.67 28.42 15.35
C ALA A 229 -24.39 29.20 15.63
N ASP A 230 -23.31 28.51 15.99
CA ASP A 230 -22.09 29.14 16.45
C ASP A 230 -21.11 29.22 15.28
N PRO A 231 -20.69 30.41 14.85
CA PRO A 231 -19.74 30.50 13.73
C PRO A 231 -18.40 29.85 14.01
N ARG A 232 -18.07 29.59 15.28
CA ARG A 232 -16.86 28.82 15.58
C ARG A 232 -17.04 27.34 15.24
N GLY A 233 -18.27 26.88 15.11
CA GLY A 233 -18.54 25.53 14.66
C GLY A 233 -18.73 25.48 13.15
N PHE A 234 -19.42 26.48 12.60
CA PHE A 234 -19.77 26.50 11.19
C PHE A 234 -19.45 27.88 10.66
N PRO A 235 -18.21 28.10 10.23
CA PRO A 235 -17.76 29.47 9.92
C PRO A 235 -18.38 30.06 8.68
N ILE A 236 -19.19 29.31 7.92
CA ILE A 236 -20.00 29.95 6.89
C ILE A 236 -20.87 31.04 7.52
N LEU A 237 -21.17 30.92 8.81
CA LEU A 237 -22.01 31.90 9.51
C LEU A 237 -21.25 33.15 9.92
N GLY A 238 -19.93 33.17 9.78
CA GLY A 238 -19.14 34.28 10.25
C GLY A 238 -19.16 35.45 9.27
N ASP A 239 -18.48 36.51 9.67
CA ASP A 239 -18.38 37.75 8.88
C ASP A 239 -17.27 37.61 7.86
N HIS A 240 -17.62 37.59 6.57
CA HIS A 240 -16.64 37.37 5.51
C HIS A 240 -16.08 38.66 4.94
N THR A 241 -16.53 39.83 5.43
CA THR A 241 -16.24 41.08 4.71
C THR A 241 -14.77 41.48 4.77
N ALA A 242 -14.01 40.96 5.73
CA ALA A 242 -12.58 41.25 5.79
C ALA A 242 -11.74 39.98 5.73
N ALA A 243 -12.28 38.91 5.13
CA ALA A 243 -11.55 37.65 5.10
C ALA A 243 -10.20 37.85 4.40
N PRO A 244 -9.14 37.22 4.90
CA PRO A 244 -7.82 37.35 4.27
C PRO A 244 -7.81 36.67 2.92
N PRO A 245 -6.77 36.91 2.10
CA PRO A 245 -6.63 36.16 0.85
C PRO A 245 -6.73 34.67 1.14
N THR A 246 -7.45 33.95 0.28
CA THR A 246 -7.84 32.57 0.56
C THR A 246 -7.58 31.66 -0.64
N ILE A 247 -7.12 30.45 -0.35
CA ILE A 247 -7.16 29.34 -1.31
C ILE A 247 -8.04 28.27 -0.69
N VAL A 248 -9.14 27.95 -1.38
CA VAL A 248 -10.03 26.84 -0.98
C VAL A 248 -9.76 25.70 -1.95
N ALA A 249 -9.37 24.54 -1.42
CA ALA A 249 -9.15 23.36 -2.25
C ALA A 249 -10.17 22.32 -1.83
N THR A 250 -10.86 21.72 -2.79
CA THR A 250 -11.84 20.69 -2.53
C THR A 250 -11.52 19.48 -3.40
N ALA A 251 -12.26 18.40 -3.18
CA ALA A 251 -12.19 17.21 -4.02
C ALA A 251 -13.55 16.95 -4.64
N SER A 252 -13.54 16.56 -5.93
CA SER A 252 -14.80 16.41 -6.64
C SER A 252 -15.65 15.25 -6.10
N LEU A 253 -15.05 14.26 -5.45
CA LEU A 253 -15.77 13.09 -4.94
C LEU A 253 -16.00 13.15 -3.43
N ASP A 254 -16.04 14.32 -2.86
CA ASP A 254 -16.03 14.48 -1.41
C ASP A 254 -17.45 14.72 -0.91
N PRO A 255 -17.96 13.95 0.06
CA PRO A 255 -19.29 14.26 0.59
C PRO A 255 -19.42 15.67 1.14
N ILE A 256 -18.34 16.30 1.60
CA ILE A 256 -18.42 17.69 2.07
C ILE A 256 -17.86 18.67 1.04
N ARG A 257 -17.75 18.25 -0.22
CA ARG A 257 -17.33 19.15 -1.29
C ARG A 257 -18.19 20.41 -1.34
N ASP A 258 -19.50 20.25 -1.25
CA ASP A 258 -20.38 21.41 -1.38
C ASP A 258 -20.17 22.42 -0.25
N SER A 259 -19.71 21.96 0.91
CA SER A 259 -19.37 22.89 1.98
C SER A 259 -18.21 23.81 1.58
N GLY A 260 -17.24 23.26 0.86
CA GLY A 260 -16.14 24.10 0.38
C GLY A 260 -16.57 25.03 -0.74
N ARG A 261 -17.37 24.51 -1.68
CA ARG A 261 -17.99 25.38 -2.69
C ARG A 261 -18.74 26.53 -2.04
N ASP A 262 -19.55 26.24 -1.01
CA ASP A 262 -20.31 27.29 -0.33
C ASP A 262 -19.39 28.36 0.22
N TYR A 263 -18.28 27.96 0.84
CA TYR A 263 -17.41 28.95 1.46
C TYR A 263 -16.76 29.84 0.40
N ALA A 264 -16.28 29.24 -0.70
CA ALA A 264 -15.66 30.06 -1.74
C ALA A 264 -16.68 31.01 -2.36
N LYS A 265 -17.92 30.55 -2.57
CA LYS A 265 -18.95 31.44 -3.11
C LYS A 265 -19.24 32.60 -2.16
N ALA A 266 -19.24 32.33 -0.85
CA ALA A 266 -19.49 33.39 0.12
C ALA A 266 -18.37 34.41 0.12
N LEU A 267 -17.12 33.97 -0.09
CA LEU A 267 -16.03 34.92 -0.19
C LEU A 267 -16.18 35.81 -1.43
N VAL A 268 -16.53 35.21 -2.57
CA VAL A 268 -16.74 36.00 -3.78
C VAL A 268 -17.89 36.98 -3.55
N GLU A 269 -18.98 36.50 -2.95
CA GLU A 269 -20.12 37.36 -2.64
C GLU A 269 -19.72 38.55 -1.79
N ALA A 270 -18.75 38.38 -0.89
CA ALA A 270 -18.28 39.47 -0.05
C ALA A 270 -17.15 40.28 -0.69
N GLY A 271 -16.78 39.97 -1.93
CA GLY A 271 -15.74 40.71 -2.62
C GLY A 271 -14.32 40.39 -2.22
N ARG A 272 -14.08 39.20 -1.68
CA ARG A 272 -12.75 38.83 -1.20
C ARG A 272 -12.00 38.03 -2.27
N ASP A 273 -10.66 38.14 -2.24
CA ASP A 273 -9.85 37.42 -3.21
C ASP A 273 -9.80 35.95 -2.82
N VAL A 274 -10.07 35.06 -3.78
CA VAL A 274 -10.07 33.64 -3.47
C VAL A 274 -9.68 32.83 -4.69
N VAL A 275 -8.83 31.83 -4.48
CA VAL A 275 -8.53 30.80 -5.47
C VAL A 275 -9.35 29.58 -5.08
N TYR A 276 -10.22 29.12 -5.99
CA TYR A 276 -11.02 27.92 -5.77
C TYR A 276 -10.48 26.83 -6.68
N LEU A 277 -9.95 25.75 -6.08
CA LEU A 277 -9.44 24.60 -6.82
C LEU A 277 -10.22 23.36 -6.40
N GLU A 278 -10.89 22.71 -7.35
CA GLU A 278 -11.62 21.48 -7.08
C GLU A 278 -10.90 20.35 -7.81
N MET A 279 -10.22 19.48 -7.07
CA MET A 279 -9.41 18.43 -7.71
C MET A 279 -10.32 17.35 -8.27
N GLU A 280 -10.14 17.02 -9.55
CA GLU A 280 -11.11 16.21 -10.28
C GLU A 280 -10.75 14.73 -10.18
N GLY A 281 -11.71 13.92 -9.75
CA GLY A 281 -11.55 12.48 -9.75
C GLY A 281 -10.81 11.91 -8.56
N VAL A 282 -10.66 12.68 -7.49
CA VAL A 282 -10.09 12.21 -6.24
C VAL A 282 -11.04 12.53 -5.10
N THR A 283 -10.76 11.94 -3.95
CA THR A 283 -11.62 11.97 -2.77
C THR A 283 -11.10 12.94 -1.72
N HIS A 284 -11.94 13.18 -0.71
CA HIS A 284 -11.49 13.70 0.57
C HIS A 284 -10.19 13.04 0.99
N GLY A 285 -9.31 13.83 1.59
CA GLY A 285 -8.08 13.32 2.15
C GLY A 285 -6.94 13.13 1.17
N PHE A 286 -7.05 13.69 -0.05
CA PHE A 286 -6.06 13.40 -1.07
C PHE A 286 -4.65 13.89 -0.70
N THR A 287 -4.54 14.84 0.24
CA THR A 287 -3.23 15.33 0.63
C THR A 287 -2.39 14.30 1.36
N ASN A 288 -2.99 13.21 1.86
CA ASN A 288 -2.25 12.28 2.69
C ASN A 288 -2.24 10.86 2.12
N ILE A 289 -2.50 10.71 0.82
CA ILE A 289 -2.49 9.38 0.21
C ILE A 289 -1.58 9.44 -1.01
N ARG A 290 -0.50 10.20 -0.91
CA ARG A 290 0.27 10.56 -2.09
C ARG A 290 1.17 9.43 -2.60
N ALA A 291 1.38 8.37 -1.82
CA ALA A 291 2.07 7.19 -2.33
C ALA A 291 1.10 6.19 -2.94
N ALA A 292 0.02 5.88 -2.23
CA ALA A 292 -0.94 4.91 -2.73
C ALA A 292 -1.68 5.42 -3.96
N VAL A 293 -1.86 6.73 -4.07
CA VAL A 293 -2.54 7.33 -5.21
C VAL A 293 -1.60 8.40 -5.75
N PRO A 294 -0.62 8.02 -6.57
CA PRO A 294 0.48 8.95 -6.88
C PRO A 294 0.04 10.24 -7.54
N SER A 295 -1.08 10.25 -8.24
CA SER A 295 -1.51 11.49 -8.89
C SER A 295 -1.88 12.58 -7.88
N THR A 296 -2.14 12.23 -6.63
CA THR A 296 -2.47 13.24 -5.63
C THR A 296 -1.27 14.08 -5.22
N GLN A 297 -0.04 13.61 -5.46
CA GLN A 297 1.11 14.51 -5.28
C GLN A 297 0.95 15.75 -6.15
N GLY A 298 0.51 15.58 -7.40
CA GLY A 298 0.30 16.73 -8.26
C GLY A 298 -0.79 17.66 -7.76
N ASP A 299 -1.84 17.11 -7.16
CA ASP A 299 -2.88 17.96 -6.56
C ASP A 299 -2.28 18.84 -5.47
N LEU A 300 -1.49 18.25 -4.58
CA LEU A 300 -0.83 19.05 -3.55
C LEU A 300 0.05 20.13 -4.16
N GLU A 301 0.83 19.77 -5.19
CA GLU A 301 1.71 20.76 -5.80
C GLU A 301 0.95 21.93 -6.41
N ARG A 302 -0.27 21.68 -6.89
CA ARG A 302 -1.09 22.79 -7.40
C ARG A 302 -1.48 23.74 -6.28
N ILE A 303 -1.82 23.20 -5.10
CA ILE A 303 -2.09 24.04 -3.94
C ILE A 303 -0.85 24.86 -3.61
N ILE A 304 0.31 24.22 -3.61
CA ILE A 304 1.57 24.89 -3.29
C ILE A 304 1.80 26.05 -4.26
N ALA A 305 1.60 25.80 -5.56
CA ALA A 305 1.81 26.85 -6.56
C ALA A 305 0.86 28.01 -6.33
N ALA A 306 -0.41 27.73 -5.99
CA ALA A 306 -1.35 28.80 -5.71
C ALA A 306 -0.94 29.60 -4.46
N MET A 307 -0.41 28.91 -3.45
CA MET A 307 0.07 29.59 -2.25
C MET A 307 1.20 30.56 -2.57
N LYS A 308 2.15 30.11 -3.40
CA LYS A 308 3.27 30.98 -3.73
C LYS A 308 2.79 32.21 -4.47
N MET A 309 1.83 32.01 -5.38
CA MET A 309 1.29 33.13 -6.16
C MET A 309 0.56 34.11 -5.24
N MET A 310 -0.27 33.59 -4.33
CA MET A 310 -1.05 34.47 -3.46
C MET A 310 -0.18 35.17 -2.41
N LEU A 311 1.03 34.67 -2.14
CA LEU A 311 1.94 35.31 -1.20
C LEU A 311 2.82 36.36 -1.87
N GLY A 312 2.88 36.38 -3.19
CA GLY A 312 3.74 37.30 -3.91
C GLY A 312 4.94 36.58 -4.48
N THR B 4 -18.53 56.75 1.54
CA THR B 4 -18.54 55.49 2.27
C THR B 4 -17.57 54.44 1.67
N PRO B 5 -17.71 54.08 0.38
CA PRO B 5 -16.85 53.01 -0.14
C PRO B 5 -15.40 53.44 -0.23
N PHE B 6 -14.51 52.48 0.03
CA PHE B 6 -13.08 52.76 -0.01
C PHE B 6 -12.65 53.12 -1.44
N ILE B 7 -11.87 54.20 -1.56
CA ILE B 7 -11.29 54.62 -2.82
C ILE B 7 -9.83 54.94 -2.58
N ARG B 8 -8.95 54.43 -3.43
CA ARG B 8 -7.55 54.76 -3.30
C ARG B 8 -7.33 56.25 -3.53
N PRO B 9 -6.40 56.87 -2.81
CA PRO B 9 -6.10 58.29 -3.07
C PRO B 9 -5.77 58.61 -4.52
N ASP B 10 -4.96 57.78 -5.20
CA ASP B 10 -4.64 58.12 -6.58
C ASP B 10 -5.85 57.92 -7.48
N MET B 11 -6.67 56.90 -7.20
CA MET B 11 -7.92 56.73 -7.93
C MET B 11 -8.86 57.92 -7.72
N LYS B 12 -8.97 58.38 -6.47
CA LYS B 12 -9.89 59.47 -6.16
C LYS B 12 -9.50 60.74 -6.89
N ALA B 13 -8.21 61.04 -6.94
CA ALA B 13 -7.76 62.25 -7.63
C ALA B 13 -8.07 62.20 -9.12
N PHE B 14 -7.92 61.02 -9.74
CA PHE B 14 -8.29 60.87 -11.15
C PHE B 14 -9.79 61.05 -11.34
N LEU B 15 -10.60 60.53 -10.42
CA LEU B 15 -12.04 60.79 -10.49
C LEU B 15 -12.32 62.29 -10.36
N GLU B 16 -11.61 62.95 -9.44
CA GLU B 16 -11.82 64.38 -9.26
C GLU B 16 -11.40 65.15 -10.51
N ALA B 17 -10.31 64.73 -11.15
CA ALA B 17 -9.85 65.39 -12.37
C ALA B 17 -10.88 65.22 -13.49
N ILE B 18 -11.43 64.02 -13.63
CA ILE B 18 -12.48 63.79 -14.62
C ILE B 18 -13.69 64.68 -14.35
N ALA B 19 -14.10 64.76 -13.08
CA ALA B 19 -15.22 65.61 -12.71
C ALA B 19 -14.93 67.08 -13.03
N ALA B 20 -13.70 67.52 -12.75
CA ALA B 20 -13.34 68.91 -13.04
C ALA B 20 -13.32 69.21 -14.53
N MET B 21 -12.91 68.23 -15.35
CA MET B 21 -12.89 68.46 -16.79
C MET B 21 -14.30 68.51 -17.36
N ALA B 22 -15.25 67.81 -16.72
CA ALA B 22 -16.68 67.95 -17.00
C ALA B 22 -17.01 67.76 -18.48
N GLY B 23 -16.53 66.65 -19.04
CA GLY B 23 -16.81 66.32 -20.42
C GLY B 23 -18.26 65.94 -20.65
N PRO B 24 -18.66 65.83 -21.90
CA PRO B 24 -20.04 65.44 -22.20
C PRO B 24 -20.24 63.93 -22.07
N THR B 25 -21.51 63.54 -21.97
CA THR B 25 -21.85 62.13 -21.92
C THR B 25 -21.77 61.50 -23.30
N LEU B 26 -21.86 60.18 -23.35
CA LEU B 26 -21.90 59.49 -24.64
C LEU B 26 -23.15 59.84 -25.42
N ALA B 27 -24.24 60.17 -24.71
CA ALA B 27 -25.45 60.62 -25.39
C ALA B 27 -25.23 61.97 -26.06
N GLU B 28 -24.47 62.85 -25.42
CA GLU B 28 -24.24 64.20 -25.94
C GLU B 28 -23.13 64.26 -26.97
N MET B 29 -22.55 63.13 -27.37
CA MET B 29 -21.51 63.10 -28.39
C MET B 29 -22.03 62.37 -29.63
N THR B 30 -21.39 62.67 -30.76
CA THR B 30 -21.55 61.81 -31.92
C THR B 30 -20.79 60.51 -31.70
N LEU B 31 -21.11 59.50 -32.51
CA LEU B 31 -20.34 58.26 -32.48
C LEU B 31 -18.85 58.53 -32.63
N GLU B 32 -18.49 59.27 -33.67
CA GLU B 32 -17.08 59.55 -33.94
C GLU B 32 -16.43 60.29 -32.78
N GLU B 33 -17.16 61.22 -32.15
CA GLU B 33 -16.61 61.94 -31.00
C GLU B 33 -16.45 61.02 -29.80
N ALA B 34 -17.42 60.15 -29.54
CA ALA B 34 -17.32 59.24 -28.41
C ALA B 34 -16.15 58.28 -28.59
N ARG B 35 -15.99 57.76 -29.80
CA ARG B 35 -14.87 56.86 -30.09
C ARG B 35 -13.53 57.59 -29.94
N ALA B 36 -13.46 58.84 -30.41
CA ALA B 36 -12.22 59.60 -30.30
C ALA B 36 -11.89 59.94 -28.86
N SER B 37 -12.91 60.18 -28.02
CA SER B 37 -12.63 60.53 -26.63
C SER B 37 -12.07 59.34 -25.87
N TYR B 38 -12.51 58.13 -26.23
CA TYR B 38 -11.94 56.92 -25.64
C TYR B 38 -10.47 56.78 -26.02
N VAL B 39 -10.14 56.97 -27.30
CA VAL B 39 -8.74 56.98 -27.72
C VAL B 39 -7.95 57.99 -26.90
N ALA B 40 -8.52 59.18 -26.72
CA ALA B 40 -7.80 60.24 -26.01
C ALA B 40 -7.62 59.89 -24.54
N LEU B 41 -8.66 59.34 -23.91
CA LEU B 41 -8.57 59.02 -22.49
C LEU B 41 -7.44 58.01 -22.22
N HIS B 42 -7.42 56.89 -22.93
CA HIS B 42 -6.35 55.93 -22.73
C HIS B 42 -5.00 56.48 -23.18
N GLY B 43 -4.99 57.32 -24.21
CA GLY B 43 -3.75 57.96 -24.61
C GLY B 43 -3.14 58.79 -23.50
N MET B 44 -3.97 59.50 -22.74
CA MET B 44 -3.45 60.30 -21.63
C MET B 44 -3.18 59.49 -20.38
N ALA B 45 -4.02 58.48 -20.12
CA ALA B 45 -4.07 57.86 -18.81
C ALA B 45 -3.24 56.59 -18.67
N ASP B 46 -2.98 55.86 -19.76
CA ASP B 46 -2.25 54.61 -19.64
C ASP B 46 -0.75 54.81 -19.71
N ARG B 47 -0.02 53.86 -19.13
CA ARG B 47 1.43 53.87 -19.27
C ARG B 47 1.82 53.71 -20.73
N PRO B 48 3.02 54.16 -21.10
CA PRO B 48 3.48 54.03 -22.49
C PRO B 48 3.60 52.58 -22.92
N ALA B 49 3.43 52.36 -24.23
CA ALA B 49 3.61 51.04 -24.80
C ALA B 49 5.01 50.49 -24.51
N ARG B 50 5.09 49.19 -24.25
CA ARG B 50 6.39 48.53 -24.20
C ARG B 50 6.99 48.46 -25.60
N GLU B 51 8.31 48.53 -25.66
CA GLU B 51 9.00 48.19 -26.90
C GLU B 51 9.03 46.68 -27.05
N LEU B 52 8.59 46.19 -28.20
CA LEU B 52 8.54 44.76 -28.48
C LEU B 52 9.19 44.48 -29.81
N ALA B 53 9.76 43.28 -29.93
CA ALA B 53 10.33 42.84 -31.20
C ALA B 53 9.28 42.84 -32.31
N VAL B 54 8.04 42.47 -31.98
CA VAL B 54 6.99 42.27 -32.99
C VAL B 54 5.73 43.03 -32.58
N ILE B 55 5.34 44.00 -33.41
CA ILE B 55 4.02 44.59 -33.36
C ILE B 55 3.56 44.65 -34.81
N ARG B 56 2.65 43.76 -35.19
CA ARG B 56 2.40 43.49 -36.61
C ARG B 56 0.91 43.39 -36.88
N ASN B 57 0.44 44.13 -37.88
CA ASN B 57 -0.95 43.99 -38.28
C ASN B 57 -1.13 42.72 -39.11
N LEU B 58 -2.24 42.02 -38.87
CA LEU B 58 -2.61 40.82 -39.61
C LEU B 58 -4.11 40.88 -39.87
N SER B 59 -4.63 39.86 -40.54
CA SER B 59 -6.09 39.74 -40.66
C SER B 59 -6.41 38.27 -40.89
N CYS B 60 -7.66 37.91 -40.60
CA CYS B 60 -8.09 36.55 -40.88
C CYS B 60 -9.46 36.60 -41.52
N PRO B 61 -9.84 35.53 -42.21
CA PRO B 61 -11.20 35.45 -42.77
C PRO B 61 -12.25 35.47 -41.66
N GLY B 62 -13.34 36.18 -41.91
CA GLY B 62 -14.44 36.25 -40.97
C GLY B 62 -15.77 36.04 -41.66
N PRO B 63 -16.83 35.86 -40.89
CA PRO B 63 -18.14 35.56 -41.50
C PRO B 63 -18.72 36.72 -42.29
N ALA B 64 -18.24 37.94 -42.08
CA ALA B 64 -18.73 39.12 -42.80
C ALA B 64 -17.59 39.85 -43.49
N GLY B 65 -16.52 39.14 -43.82
CA GLY B 65 -15.34 39.74 -44.38
C GLY B 65 -14.15 39.57 -43.46
N ASP B 66 -13.03 40.12 -43.90
CA ASP B 66 -11.78 39.96 -43.17
C ASP B 66 -11.84 40.70 -41.83
N ILE B 67 -11.22 40.10 -40.82
CA ILE B 67 -11.16 40.67 -39.48
C ILE B 67 -9.75 41.20 -39.26
N PRO B 68 -9.57 42.50 -38.98
CA PRO B 68 -8.23 43.00 -38.70
C PRO B 68 -7.74 42.54 -37.33
N LEU B 69 -6.44 42.27 -37.24
CA LEU B 69 -5.80 41.77 -36.03
C LEU B 69 -4.50 42.53 -35.81
N ARG B 70 -4.00 42.48 -34.58
CA ARG B 70 -2.66 43.00 -34.29
C ARG B 70 -1.93 42.00 -33.41
N LEU B 71 -0.78 41.54 -33.89
CA LEU B 71 0.06 40.61 -33.16
C LEU B 71 1.11 41.38 -32.37
N TYR B 72 1.27 40.99 -31.10
CA TYR B 72 2.28 41.53 -30.20
C TYR B 72 3.15 40.39 -29.70
N ASP B 73 4.46 40.51 -29.85
CA ASP B 73 5.34 39.47 -29.32
C ASP B 73 6.68 40.07 -28.94
N ALA B 74 7.14 39.76 -27.73
CA ALA B 74 8.48 40.16 -27.32
C ALA B 74 9.57 39.45 -28.10
N ARG B 75 9.24 38.38 -28.84
CA ARG B 75 10.19 37.57 -29.59
C ARG B 75 9.80 37.53 -31.07
N GLU B 76 10.78 37.69 -31.96
CA GLU B 76 10.51 37.48 -33.38
C GLU B 76 10.24 36.01 -33.65
N SER B 77 10.88 35.12 -32.89
CA SER B 77 10.81 33.68 -33.14
C SER B 77 10.68 32.97 -31.80
N ARG B 78 9.75 32.03 -31.71
CA ARG B 78 9.55 31.35 -30.43
C ARG B 78 9.07 29.93 -30.66
N GLU B 79 9.25 29.11 -29.63
CA GLU B 79 8.74 27.75 -29.60
C GLU B 79 7.22 27.75 -29.52
N ALA B 80 6.62 26.59 -29.78
CA ALA B 80 5.18 26.47 -29.67
C ALA B 80 4.73 26.70 -28.23
N GLY B 81 3.55 27.27 -28.08
CA GLY B 81 3.02 27.57 -26.77
C GLY B 81 1.65 28.20 -26.88
N PRO B 82 1.05 28.54 -25.74
CA PRO B 82 -0.26 29.18 -25.77
C PRO B 82 -0.17 30.56 -26.40
N VAL B 83 -1.24 30.95 -27.06
CA VAL B 83 -1.34 32.28 -27.64
C VAL B 83 -2.51 33.00 -26.99
N ILE B 84 -2.26 34.21 -26.54
CA ILE B 84 -3.28 35.05 -25.92
C ILE B 84 -4.12 35.70 -27.01
N THR B 85 -5.44 35.58 -26.92
CA THR B 85 -6.34 36.19 -27.87
C THR B 85 -7.16 37.24 -27.13
N PHE B 86 -6.98 38.50 -27.50
CA PHE B 86 -7.43 39.63 -26.72
C PHE B 86 -8.59 40.35 -27.42
N TYR B 87 -9.60 40.75 -26.64
CA TYR B 87 -10.75 41.48 -27.14
C TYR B 87 -10.95 42.73 -26.29
N HIS B 88 -10.89 43.90 -26.93
CA HIS B 88 -10.89 45.16 -26.20
C HIS B 88 -12.27 45.49 -25.64
N GLY B 89 -12.27 46.32 -24.59
CA GLY B 89 -13.51 46.86 -24.04
C GLY B 89 -14.05 48.05 -24.83
N GLY B 90 -15.19 48.55 -24.36
CA GLY B 90 -15.83 49.68 -25.01
C GLY B 90 -17.30 49.45 -25.33
N GLY B 91 -17.92 48.54 -24.59
CA GLY B 91 -19.35 48.30 -24.72
C GLY B 91 -19.80 47.72 -26.03
N PHE B 92 -18.89 47.20 -26.85
CA PHE B 92 -19.15 46.76 -28.21
C PHE B 92 -19.48 47.92 -29.15
N VAL B 93 -19.15 49.16 -28.75
CA VAL B 93 -19.50 50.35 -29.52
C VAL B 93 -18.26 51.18 -29.81
N ILE B 94 -17.42 51.38 -28.80
CA ILE B 94 -16.19 52.15 -28.94
C ILE B 94 -14.99 51.24 -28.69
N GLY B 95 -13.79 51.80 -28.78
CA GLY B 95 -12.54 51.05 -28.67
C GLY B 95 -12.13 50.45 -30.00
N ASP B 96 -10.84 50.13 -30.10
CA ASP B 96 -10.28 49.50 -31.29
C ASP B 96 -8.89 48.94 -30.95
N LEU B 97 -8.06 48.72 -31.97
CA LEU B 97 -6.73 48.17 -31.72
C LEU B 97 -5.82 49.17 -31.03
N ASP B 98 -6.07 50.46 -31.16
CA ASP B 98 -5.22 51.47 -30.54
C ASP B 98 -5.63 51.81 -29.11
N THR B 99 -6.93 51.76 -28.78
CA THR B 99 -7.33 52.12 -27.42
C THR B 99 -6.73 51.18 -26.39
N HIS B 100 -6.49 49.93 -26.76
CA HIS B 100 -5.95 48.94 -25.83
C HIS B 100 -4.56 48.49 -26.24
N HIS B 101 -3.92 49.26 -27.13
CA HIS B 101 -2.61 48.90 -27.67
C HIS B 101 -1.55 48.80 -26.57
N ASN B 102 -1.44 49.83 -25.72
CA ASN B 102 -0.39 49.80 -24.71
C ASN B 102 -0.61 48.66 -23.73
N LEU B 103 -1.86 48.42 -23.33
CA LEU B 103 -2.16 47.27 -22.47
C LEU B 103 -1.73 45.96 -23.13
N CYS B 104 -2.00 45.80 -24.42
CA CYS B 104 -1.56 44.57 -25.10
C CYS B 104 -0.04 44.45 -25.10
N THR B 105 0.70 45.55 -25.34
CA THR B 105 2.15 45.45 -25.26
C THR B 105 2.58 45.06 -23.85
N GLU B 106 1.87 45.55 -22.83
CA GLU B 106 2.22 45.20 -21.45
C GLU B 106 1.98 43.72 -21.17
N ILE B 107 0.83 43.19 -21.59
CA ILE B 107 0.54 41.77 -21.40
C ILE B 107 1.58 40.91 -22.14
N ALA B 108 1.91 41.28 -23.38
CA ALA B 108 2.93 40.52 -24.12
C ALA B 108 4.30 40.56 -23.44
N ALA B 109 4.71 41.74 -22.95
CA ALA B 109 6.02 41.85 -22.30
C ALA B 109 6.07 41.06 -21.00
N LEU B 110 5.02 41.16 -20.18
CA LEU B 110 5.05 40.54 -18.86
C LEU B 110 4.80 39.04 -18.92
N MET B 111 4.05 38.56 -19.91
CA MET B 111 3.80 37.12 -20.01
C MET B 111 4.84 36.38 -20.83
N ASP B 112 5.57 37.09 -21.68
CA ASP B 112 6.45 36.43 -22.66
C ASP B 112 5.66 35.40 -23.46
N LEU B 113 4.47 35.80 -23.88
CA LEU B 113 3.61 35.05 -24.79
C LEU B 113 3.14 35.99 -25.88
N PRO B 114 2.83 35.47 -27.06
CA PRO B 114 2.25 36.33 -28.09
C PRO B 114 0.82 36.68 -27.76
N VAL B 115 0.44 37.89 -28.13
CA VAL B 115 -0.91 38.42 -27.94
C VAL B 115 -1.46 38.80 -29.31
N VAL B 116 -2.67 38.32 -29.62
CA VAL B 116 -3.36 38.73 -30.85
C VAL B 116 -4.62 39.48 -30.46
N ALA B 117 -4.66 40.77 -30.75
CA ALA B 117 -5.84 41.59 -30.47
C ALA B 117 -6.76 41.61 -31.69
N VAL B 118 -8.07 41.57 -31.43
CA VAL B 118 -9.09 41.44 -32.46
C VAL B 118 -9.79 42.78 -32.66
N ASP B 119 -9.82 43.25 -33.91
CA ASP B 119 -10.59 44.46 -34.28
C ASP B 119 -11.97 44.02 -34.75
N TYR B 120 -12.80 43.64 -33.79
CA TYR B 120 -14.11 43.07 -34.11
C TYR B 120 -15.09 44.17 -34.49
N ARG B 121 -16.14 43.77 -35.24
CA ARG B 121 -17.17 44.69 -35.68
C ARG B 121 -17.92 45.32 -34.50
N LEU B 122 -18.22 46.61 -34.63
CA LEU B 122 -18.84 47.39 -33.56
C LEU B 122 -20.28 47.77 -33.89
N ALA B 123 -21.08 47.93 -32.84
CA ALA B 123 -22.43 48.51 -32.87
C ALA B 123 -22.34 50.02 -32.75
N PRO B 124 -23.40 50.76 -33.16
CA PRO B 124 -24.69 50.33 -33.71
C PRO B 124 -24.62 49.87 -35.17
N GLU B 125 -23.53 50.19 -35.86
CA GLU B 125 -23.39 49.75 -37.26
C GLU B 125 -23.58 48.25 -37.39
N HIS B 126 -23.02 47.48 -36.46
CA HIS B 126 -23.11 46.02 -36.48
C HIS B 126 -23.55 45.57 -35.10
N PRO B 127 -24.85 45.38 -34.88
CA PRO B 127 -25.31 45.00 -33.54
C PRO B 127 -25.00 43.56 -33.22
N PHE B 128 -25.38 43.15 -32.01
CA PHE B 128 -25.27 41.75 -31.61
C PHE B 128 -25.87 40.85 -32.68
N PRO B 129 -25.23 39.71 -33.03
CA PRO B 129 -24.04 39.14 -32.41
C PRO B 129 -22.74 39.37 -33.18
N ALA B 130 -22.65 40.48 -33.92
CA ALA B 130 -21.51 40.70 -34.81
C ALA B 130 -20.17 40.57 -34.09
N ALA B 131 -20.01 41.30 -32.98
CA ALA B 131 -18.73 41.28 -32.26
C ALA B 131 -18.34 39.86 -31.87
N ILE B 132 -19.31 39.07 -31.39
CA ILE B 132 -19.02 37.71 -30.96
C ILE B 132 -18.58 36.85 -32.13
N GLU B 133 -19.28 36.96 -33.27
CA GLU B 133 -18.88 36.21 -34.46
C GLU B 133 -17.44 36.47 -34.82
N ASP B 134 -17.00 37.72 -34.71
CA ASP B 134 -15.64 38.06 -35.10
C ASP B 134 -14.63 37.56 -34.07
N CYS B 135 -14.89 37.77 -32.78
CA CYS B 135 -14.00 37.25 -31.74
C CYS B 135 -13.88 35.74 -31.81
N GLU B 136 -14.99 35.04 -32.04
CA GLU B 136 -14.90 33.59 -32.16
C GLU B 136 -14.07 33.18 -33.38
N ALA B 137 -14.35 33.81 -34.53
CA ALA B 137 -13.65 33.41 -35.75
C ALA B 137 -12.16 33.70 -35.64
N ALA B 138 -11.80 34.85 -35.07
CA ALA B 138 -10.39 35.18 -34.93
C ALA B 138 -9.69 34.24 -33.97
N THR B 139 -10.39 33.82 -32.91
CA THR B 139 -9.78 32.91 -31.95
C THR B 139 -9.56 31.53 -32.57
N ARG B 140 -10.55 31.04 -33.32
CA ARG B 140 -10.36 29.77 -34.03
C ARG B 140 -9.22 29.86 -35.01
N TRP B 141 -9.10 30.98 -35.71
CA TRP B 141 -8.03 31.15 -36.67
C TRP B 141 -6.68 31.08 -35.97
N VAL B 142 -6.51 31.84 -34.88
CA VAL B 142 -5.26 31.75 -34.10
C VAL B 142 -5.02 30.32 -33.66
N ALA B 143 -6.07 29.64 -33.20
CA ALA B 143 -5.91 28.29 -32.67
C ALA B 143 -5.47 27.30 -33.75
N SER B 144 -5.64 27.65 -35.03
CA SER B 144 -5.25 26.75 -36.10
C SER B 144 -3.78 26.85 -36.47
N SER B 145 -3.02 27.68 -35.76
CA SER B 145 -1.62 27.93 -36.06
C SER B 145 -1.41 28.26 -37.54
N PRO B 146 -2.07 29.29 -38.05
CA PRO B 146 -1.92 29.63 -39.46
C PRO B 146 -0.53 30.15 -39.77
N SER B 147 -0.09 29.93 -41.01
CA SER B 147 1.25 30.36 -41.41
C SER B 147 1.50 31.83 -41.11
N GLU B 148 0.51 32.68 -41.36
CA GLU B 148 0.69 34.13 -41.22
C GLU B 148 0.92 34.55 -39.76
N LEU B 149 0.51 33.71 -38.81
CA LEU B 149 0.73 34.06 -37.41
C LEU B 149 2.21 34.03 -37.06
N GLY B 150 2.97 33.14 -37.70
CA GLY B 150 4.40 33.09 -37.48
C GLY B 150 4.84 32.42 -36.19
N ARG B 151 3.91 31.86 -35.42
CA ARG B 151 4.28 31.02 -34.29
C ARG B 151 3.16 30.00 -34.08
N THR B 152 3.51 28.89 -33.46
CA THR B 152 2.58 27.77 -33.32
C THR B 152 1.85 27.87 -31.97
N ALA B 153 0.54 27.67 -32.00
CA ALA B 153 -0.28 27.72 -30.80
C ALA B 153 -0.55 26.30 -30.31
N SER B 154 -0.21 26.03 -29.04
CA SER B 154 -0.56 24.77 -28.38
C SER B 154 -1.86 24.87 -27.61
N GLY B 155 -2.40 26.08 -27.50
CA GLY B 155 -3.63 26.38 -26.78
C GLY B 155 -3.88 27.86 -26.96
N VAL B 156 -5.09 28.30 -26.62
CA VAL B 156 -5.38 29.72 -26.66
C VAL B 156 -5.83 30.20 -25.29
N ILE B 157 -5.61 31.49 -25.04
CA ILE B 157 -5.96 32.15 -23.78
C ILE B 157 -6.82 33.37 -24.12
N PRO B 158 -8.14 33.24 -24.14
CA PRO B 158 -9.01 34.40 -24.32
C PRO B 158 -8.94 35.34 -23.12
N ILE B 159 -8.89 36.64 -23.43
CA ILE B 159 -8.73 37.68 -22.41
C ILE B 159 -9.35 38.96 -22.97
N GLY B 160 -9.92 39.76 -22.09
CA GLY B 160 -10.50 41.02 -22.52
C GLY B 160 -11.13 41.72 -21.35
N ASP B 161 -11.33 43.03 -21.52
CA ASP B 161 -11.87 43.90 -20.49
C ASP B 161 -13.28 44.34 -20.86
N SER B 162 -14.19 44.37 -19.87
CA SER B 162 -15.52 44.94 -20.03
C SER B 162 -16.27 44.13 -21.09
N ALA B 163 -16.70 44.73 -22.20
CA ALA B 163 -17.31 43.93 -23.27
C ALA B 163 -16.37 42.86 -23.77
N GLY B 164 -15.05 43.12 -23.72
CA GLY B 164 -14.10 42.10 -24.10
C GLY B 164 -14.06 40.95 -23.11
N GLY B 165 -14.39 41.22 -21.84
CA GLY B 165 -14.54 40.14 -20.86
C GLY B 165 -15.80 39.35 -21.08
N ASN B 166 -16.87 40.01 -21.52
CA ASN B 166 -18.04 39.31 -22.04
C ASN B 166 -17.64 38.40 -23.20
N ALA B 167 -16.94 38.96 -24.18
CA ALA B 167 -16.53 38.17 -25.34
C ALA B 167 -15.63 37.01 -24.92
N THR B 168 -14.76 37.25 -23.94
CA THR B 168 -13.88 36.20 -23.43
C THR B 168 -14.70 34.99 -23.02
N ILE B 169 -15.72 35.19 -22.19
CA ILE B 169 -16.48 34.06 -21.68
C ILE B 169 -17.27 33.40 -22.81
N VAL B 170 -17.87 34.21 -23.69
CA VAL B 170 -18.65 33.64 -24.78
C VAL B 170 -17.77 32.81 -25.69
N VAL B 171 -16.58 33.31 -26.02
CA VAL B 171 -15.67 32.55 -26.87
C VAL B 171 -15.29 31.22 -26.21
N SER B 172 -14.98 31.25 -24.92
CA SER B 172 -14.67 30.00 -24.21
C SER B 172 -15.84 29.02 -24.27
N GLN B 173 -17.07 29.54 -24.16
CA GLN B 173 -18.22 28.65 -24.20
C GLN B 173 -18.45 28.10 -25.60
N LEU B 174 -18.24 28.92 -26.63
CA LEU B 174 -18.43 28.46 -27.99
C LEU B 174 -17.36 27.45 -28.38
N LEU B 175 -16.11 27.68 -27.98
CA LEU B 175 -15.07 26.69 -28.27
C LEU B 175 -15.21 25.47 -27.39
N GLY B 176 -15.78 25.62 -26.19
CA GLY B 176 -16.07 24.46 -25.37
C GLY B 176 -17.08 23.54 -26.03
N ALA B 177 -18.09 24.11 -26.67
CA ALA B 177 -19.13 23.31 -27.31
C ALA B 177 -18.62 22.70 -28.62
N LYS B 178 -17.83 23.46 -29.37
CA LYS B 178 -17.29 23.02 -30.66
C LYS B 178 -15.81 23.38 -30.69
N PRO B 179 -14.95 22.46 -30.28
CA PRO B 179 -13.52 22.79 -30.11
C PRO B 179 -12.88 23.34 -31.36
N ALA B 180 -11.94 24.27 -31.14
CA ALA B 180 -10.99 24.69 -32.16
C ALA B 180 -9.87 23.66 -32.23
N ASP B 181 -8.84 23.95 -33.03
CA ASP B 181 -7.76 22.99 -33.22
C ASP B 181 -6.96 22.74 -31.95
N VAL B 182 -6.96 23.69 -31.02
CA VAL B 182 -6.31 23.51 -29.72
C VAL B 182 -7.29 24.02 -28.66
N PRO B 183 -7.13 23.57 -27.41
CA PRO B 183 -8.08 23.96 -26.37
C PRO B 183 -7.87 25.38 -25.86
N VAL B 184 -8.92 25.91 -25.25
CA VAL B 184 -8.81 27.07 -24.37
C VAL B 184 -8.16 26.59 -23.08
N VAL B 185 -6.92 27.02 -22.81
CA VAL B 185 -6.22 26.50 -21.64
C VAL B 185 -6.43 27.38 -20.42
N LEU B 186 -6.96 28.59 -20.61
CA LEU B 186 -7.15 29.58 -19.57
C LEU B 186 -7.96 30.71 -20.18
N GLN B 187 -8.89 31.28 -19.42
CA GLN B 187 -9.61 32.48 -19.84
C GLN B 187 -9.49 33.53 -18.74
N VAL B 188 -9.39 34.79 -19.16
CA VAL B 188 -9.18 35.89 -18.23
C VAL B 188 -10.20 37.00 -18.50
N PRO B 189 -11.46 36.85 -18.10
CA PRO B 189 -12.41 37.96 -18.19
C PRO B 189 -12.11 39.03 -17.14
N ILE B 190 -11.88 40.26 -17.59
CA ILE B 190 -11.51 41.37 -16.73
C ILE B 190 -12.68 42.36 -16.70
N PHE B 191 -13.12 42.73 -15.48
CA PHE B 191 -14.42 43.35 -15.17
C PHE B 191 -15.45 43.06 -16.27
N PRO B 192 -15.85 41.80 -16.42
CA PRO B 192 -16.73 41.43 -17.53
C PRO B 192 -18.19 41.76 -17.27
N LEU B 193 -18.93 41.84 -18.36
CA LEU B 193 -20.39 41.81 -18.32
C LEU B 193 -20.79 40.37 -18.59
N ALA B 194 -21.12 39.63 -17.52
CA ALA B 194 -21.51 38.24 -17.63
C ALA B 194 -23.00 38.05 -17.42
N SER B 195 -23.55 38.61 -16.34
CA SER B 195 -24.99 38.68 -16.10
C SER B 195 -25.48 40.10 -16.36
N ASP B 196 -26.77 40.21 -16.65
CA ASP B 196 -27.40 41.52 -16.82
C ASP B 196 -27.23 42.35 -15.55
N ALA B 197 -26.67 43.56 -15.71
CA ALA B 197 -26.39 44.40 -14.54
C ALA B 197 -27.65 45.06 -13.99
N VAL B 198 -28.71 45.14 -14.79
CA VAL B 198 -29.96 45.76 -14.34
C VAL B 198 -30.45 45.06 -13.08
N GLY B 199 -30.67 45.82 -12.03
CA GLY B 199 -31.16 45.28 -10.78
C GLY B 199 -30.08 44.98 -9.76
N SER B 200 -28.80 45.07 -10.13
CA SER B 200 -27.72 44.73 -9.21
C SER B 200 -27.43 45.88 -8.26
N ALA B 201 -27.02 45.53 -7.05
CA ALA B 201 -26.63 46.53 -6.06
C ALA B 201 -25.44 47.35 -6.53
N SER B 202 -24.51 46.73 -7.28
CA SER B 202 -23.36 47.48 -7.75
C SER B 202 -23.78 48.58 -8.73
N LEU B 203 -24.74 48.28 -9.61
CA LEU B 203 -25.15 49.26 -10.61
C LEU B 203 -25.73 50.51 -9.96
N GLU B 204 -26.53 50.33 -8.91
CA GLU B 204 -27.12 51.49 -8.25
C GLU B 204 -26.11 52.23 -7.38
N ALA B 205 -25.23 51.49 -6.70
CA ALA B 205 -24.26 52.13 -5.82
C ALA B 205 -23.24 52.95 -6.58
N PHE B 206 -22.88 52.54 -7.80
CA PHE B 206 -21.81 53.19 -8.55
C PHE B 206 -22.32 53.74 -9.87
N ALA B 207 -23.59 54.14 -9.90
CA ALA B 207 -24.24 54.59 -11.13
C ALA B 207 -23.60 55.85 -11.70
N GLU B 208 -22.96 56.67 -10.88
CA GLU B 208 -22.34 57.90 -11.35
C GLU B 208 -21.05 58.16 -10.60
N GLY B 209 -20.10 58.78 -11.31
CA GLY B 209 -18.88 59.25 -10.70
C GLY B 209 -17.73 58.26 -10.65
N PHE B 210 -17.86 57.11 -11.30
CA PHE B 210 -16.85 56.05 -11.20
C PHE B 210 -16.42 55.59 -12.59
N VAL B 211 -16.18 56.57 -13.48
CA VAL B 211 -15.70 56.39 -14.85
C VAL B 211 -16.78 55.72 -15.70
N LEU B 212 -17.06 54.45 -15.46
CA LEU B 212 -18.18 53.80 -16.11
C LEU B 212 -19.46 54.19 -15.40
N THR B 213 -20.45 54.67 -16.16
CA THR B 213 -21.69 55.17 -15.58
C THR B 213 -22.86 54.31 -16.05
N LYS B 214 -23.95 54.38 -15.29
CA LYS B 214 -25.20 53.73 -15.70
C LYS B 214 -25.67 54.27 -17.05
N ALA B 215 -25.52 55.57 -17.27
CA ALA B 215 -25.92 56.15 -18.55
C ALA B 215 -25.15 55.53 -19.70
N SER B 216 -23.84 55.34 -19.54
CA SER B 216 -23.05 54.73 -20.60
C SER B 216 -23.45 53.28 -20.81
N ILE B 217 -23.66 52.53 -19.71
CA ILE B 217 -24.10 51.15 -19.85
C ILE B 217 -25.38 51.08 -20.66
N GLU B 218 -26.32 52.00 -20.41
CA GLU B 218 -27.56 52.03 -21.16
C GLU B 218 -27.33 52.42 -22.61
N PHE B 219 -26.45 53.40 -22.85
CA PHE B 219 -26.09 53.78 -24.21
C PHE B 219 -25.56 52.58 -25.00
N PHE B 220 -24.58 51.87 -24.42
CA PHE B 220 -24.03 50.69 -25.10
C PHE B 220 -25.10 49.65 -25.38
N ASP B 221 -25.96 49.39 -24.39
CA ASP B 221 -26.99 48.37 -24.54
C ASP B 221 -27.93 48.69 -25.70
N THR B 222 -28.37 49.95 -25.79
CA THR B 222 -29.26 50.35 -26.88
C THR B 222 -28.60 50.12 -28.23
N ALA B 223 -27.29 50.42 -28.33
CA ALA B 223 -26.60 50.26 -29.60
C ALA B 223 -26.38 48.79 -29.94
N TYR B 224 -26.05 47.96 -28.94
CA TYR B 224 -25.65 46.58 -29.20
C TYR B 224 -26.85 45.67 -29.39
N LYS B 225 -27.91 45.89 -28.62
CA LYS B 225 -29.15 45.11 -28.71
C LYS B 225 -28.89 43.61 -28.54
N ALA B 226 -28.20 43.26 -27.46
CA ALA B 226 -28.02 41.86 -27.13
C ALA B 226 -29.33 41.25 -26.65
N ASP B 227 -29.59 40.03 -27.10
CA ASP B 227 -30.76 39.27 -26.67
C ASP B 227 -30.59 38.81 -25.23
N ARG B 228 -31.50 39.25 -24.35
CA ARG B 228 -31.38 38.97 -22.92
C ARG B 228 -31.45 37.48 -22.59
N ALA B 229 -32.02 36.66 -23.48
CA ALA B 229 -32.12 35.23 -23.25
C ALA B 229 -31.04 34.43 -23.96
N ASP B 230 -30.13 35.09 -24.69
CA ASP B 230 -29.10 34.42 -25.46
C ASP B 230 -27.83 34.34 -24.66
N PRO B 231 -27.26 33.16 -24.41
CA PRO B 231 -25.98 33.09 -23.66
C PRO B 231 -24.85 33.82 -24.36
N ARG B 232 -24.92 34.01 -25.68
CA ARG B 232 -23.91 34.79 -26.37
C ARG B 232 -24.00 36.27 -26.02
N GLY B 233 -25.12 36.71 -25.49
CA GLY B 233 -25.22 38.08 -25.01
C GLY B 233 -24.89 38.15 -23.54
N PHE B 234 -25.35 37.15 -22.79
CA PHE B 234 -25.20 37.14 -21.33
C PHE B 234 -24.75 35.75 -20.91
N PRO B 235 -23.42 35.52 -20.90
CA PRO B 235 -22.92 34.15 -20.79
C PRO B 235 -23.08 33.53 -19.41
N ILE B 236 -23.61 34.26 -18.42
CA ILE B 236 -24.02 33.62 -17.17
C ILE B 236 -25.05 32.54 -17.46
N LEU B 237 -25.80 32.69 -18.56
CA LEU B 237 -26.80 31.71 -18.98
C LEU B 237 -26.22 30.47 -19.62
N GLY B 238 -24.93 30.46 -19.95
CA GLY B 238 -24.32 29.34 -20.63
C GLY B 238 -24.06 28.15 -19.70
N ASP B 239 -23.52 27.09 -20.30
CA ASP B 239 -23.20 25.86 -19.59
C ASP B 239 -21.80 25.99 -19.01
N HIS B 240 -21.72 26.02 -17.68
CA HIS B 240 -20.46 26.21 -16.97
C HIS B 240 -19.76 24.91 -16.62
N THR B 241 -20.38 23.75 -16.88
CA THR B 241 -19.87 22.50 -16.32
C THR B 241 -18.51 22.09 -16.86
N ALA B 242 -18.08 22.64 -17.98
CA ALA B 242 -16.76 22.34 -18.52
C ALA B 242 -15.97 23.61 -18.78
N ALA B 243 -16.28 24.70 -18.06
CA ALA B 243 -15.53 25.94 -18.22
C ALA B 243 -14.04 25.68 -18.06
N PRO B 244 -13.20 26.33 -18.86
CA PRO B 244 -11.75 26.19 -18.70
C PRO B 244 -11.27 26.86 -17.43
N PRO B 245 -10.01 26.64 -17.03
CA PRO B 245 -9.46 27.39 -15.90
C PRO B 245 -9.66 28.88 -16.12
N THR B 246 -10.07 29.59 -15.07
CA THR B 246 -10.56 30.96 -15.23
C THR B 246 -9.95 31.89 -14.19
N ILE B 247 -9.58 33.10 -14.61
CA ILE B 247 -9.28 34.17 -13.69
C ILE B 247 -10.31 35.26 -13.93
N VAL B 248 -11.12 35.55 -12.92
CA VAL B 248 -12.07 36.66 -12.97
C VAL B 248 -11.49 37.81 -12.17
N ALA B 249 -11.28 38.95 -12.82
CA ALA B 249 -10.82 40.14 -12.12
C ALA B 249 -11.91 41.20 -12.20
N THR B 250 -12.25 41.78 -11.06
CA THR B 250 -13.24 42.85 -10.99
C THR B 250 -12.64 44.04 -10.26
N ALA B 251 -13.42 45.13 -10.19
CA ALA B 251 -13.05 46.32 -9.43
C ALA B 251 -14.15 46.60 -8.42
N SER B 252 -13.74 47.01 -7.22
CA SER B 252 -14.68 47.15 -6.11
C SER B 252 -15.65 48.31 -6.31
N LEU B 253 -15.29 49.29 -7.13
CA LEU B 253 -16.13 50.46 -7.38
C LEU B 253 -16.82 50.40 -8.75
N ASP B 254 -17.09 49.23 -9.24
CA ASP B 254 -17.55 49.07 -10.60
C ASP B 254 -19.05 48.86 -10.61
N PRO B 255 -19.83 49.63 -11.37
CA PRO B 255 -21.27 49.36 -11.46
C PRO B 255 -21.60 47.94 -11.90
N ILE B 256 -20.76 47.30 -12.71
CA ILE B 256 -21.01 45.93 -13.12
C ILE B 256 -20.12 44.95 -12.35
N ARG B 257 -19.62 45.36 -11.18
CA ARG B 257 -18.84 44.46 -10.32
C ARG B 257 -19.62 43.19 -9.98
N ASP B 258 -20.90 43.34 -9.61
CA ASP B 258 -21.66 42.17 -9.19
C ASP B 258 -21.86 41.17 -10.33
N SER B 259 -21.77 41.63 -11.58
CA SER B 259 -21.84 40.73 -12.71
C SER B 259 -20.64 39.78 -12.70
N GLY B 260 -19.45 40.30 -12.39
CA GLY B 260 -18.28 39.44 -12.30
C GLY B 260 -18.33 38.52 -11.09
N ARG B 261 -18.81 39.04 -9.95
CA ARG B 261 -19.03 38.19 -8.78
C ARG B 261 -19.97 37.03 -9.13
N ASP B 262 -21.06 37.33 -9.83
CA ASP B 262 -22.02 36.29 -10.21
C ASP B 262 -21.35 35.20 -11.04
N TYR B 263 -20.50 35.60 -11.99
CA TYR B 263 -19.90 34.61 -12.87
C TYR B 263 -18.93 33.73 -12.09
N ALA B 264 -18.09 34.34 -11.26
CA ALA B 264 -17.16 33.54 -10.47
C ALA B 264 -17.89 32.58 -9.54
N LYS B 265 -18.99 33.05 -8.93
CA LYS B 265 -19.81 32.15 -8.09
C LYS B 265 -20.38 31.00 -8.90
N ALA B 266 -20.83 31.29 -10.13
CA ALA B 266 -21.37 30.24 -10.98
C ALA B 266 -20.31 29.20 -11.32
N LEU B 267 -19.06 29.64 -11.50
CA LEU B 267 -18.00 28.68 -11.77
C LEU B 267 -17.75 27.78 -10.56
N VAL B 268 -17.64 28.37 -9.37
CA VAL B 268 -17.48 27.56 -8.15
C VAL B 268 -18.66 26.60 -7.99
N GLU B 269 -19.87 27.10 -8.21
CA GLU B 269 -21.06 26.26 -8.10
C GLU B 269 -21.01 25.05 -9.04
N ALA B 270 -20.37 25.21 -10.21
CA ALA B 270 -20.19 24.14 -11.17
C ALA B 270 -18.92 23.33 -10.95
N GLY B 271 -18.17 23.60 -9.88
CA GLY B 271 -16.98 22.83 -9.58
C GLY B 271 -15.77 23.16 -10.42
N ARG B 272 -15.72 24.35 -11.02
CA ARG B 272 -14.63 24.74 -11.90
C ARG B 272 -13.57 25.53 -11.17
N ASP B 273 -12.31 25.37 -11.59
CA ASP B 273 -11.22 26.13 -10.99
C ASP B 273 -11.31 27.59 -11.40
N VAL B 274 -11.22 28.48 -10.42
CA VAL B 274 -11.32 29.90 -10.71
C VAL B 274 -10.53 30.70 -9.67
N VAL B 275 -9.82 31.70 -10.14
CA VAL B 275 -9.19 32.71 -9.31
C VAL B 275 -10.08 33.94 -9.39
N TYR B 276 -10.58 34.41 -8.24
CA TYR B 276 -11.40 35.62 -8.17
C TYR B 276 -10.57 36.71 -7.50
N LEU B 277 -10.32 37.80 -8.22
CA LEU B 277 -9.56 38.93 -7.71
C LEU B 277 -10.42 40.17 -7.86
N GLU B 278 -10.74 40.82 -6.75
CA GLU B 278 -11.50 42.06 -6.75
C GLU B 278 -10.58 43.18 -6.28
N MET B 279 -10.19 44.04 -7.21
CA MET B 279 -9.20 45.08 -6.91
C MET B 279 -9.86 46.16 -6.06
N GLU B 280 -9.29 46.42 -4.89
CA GLU B 280 -9.96 47.23 -3.89
C GLU B 280 -9.64 48.72 -4.07
N GLY B 281 -10.69 49.53 -4.19
CA GLY B 281 -10.53 50.98 -4.23
C GLY B 281 -10.27 51.55 -5.62
N VAL B 282 -10.54 50.80 -6.67
CA VAL B 282 -10.35 51.26 -8.03
C VAL B 282 -11.61 50.97 -8.81
N THR B 283 -11.72 51.61 -9.97
CA THR B 283 -12.91 51.59 -10.81
C THR B 283 -12.76 50.61 -11.97
N HIS B 284 -13.88 50.38 -12.63
CA HIS B 284 -13.90 49.87 -14.00
C HIS B 284 -12.81 50.53 -14.84
N GLY B 285 -12.23 49.75 -15.75
CA GLY B 285 -11.25 50.27 -16.68
C GLY B 285 -9.86 50.43 -16.13
N PHE B 286 -9.55 49.84 -14.96
CA PHE B 286 -8.27 50.13 -14.33
C PHE B 286 -7.08 49.61 -15.12
N THR B 287 -7.28 48.67 -16.04
CA THR B 287 -6.17 48.14 -16.81
C THR B 287 -5.58 49.14 -17.78
N ASN B 288 -6.26 50.26 -18.05
CA ASN B 288 -5.84 51.18 -19.09
C ASN B 288 -5.60 52.59 -18.55
N ILE B 289 -5.45 52.73 -17.23
CA ILE B 289 -5.20 54.03 -16.64
C ILE B 289 -3.96 53.94 -15.76
N ARG B 290 -2.98 53.15 -16.19
CA ARG B 290 -1.89 52.79 -15.29
C ARG B 290 -0.88 53.91 -15.07
N ALA B 291 -0.93 55.00 -15.82
CA ALA B 291 -0.09 56.15 -15.53
C ALA B 291 -0.80 57.18 -14.67
N ALA B 292 -2.06 57.49 -14.99
CA ALA B 292 -2.85 58.45 -14.23
C ALA B 292 -3.14 57.96 -12.82
N VAL B 293 -3.33 56.65 -12.65
CA VAL B 293 -3.56 56.04 -11.35
C VAL B 293 -2.48 54.99 -11.19
N PRO B 294 -1.26 55.38 -10.77
CA PRO B 294 -0.11 54.45 -10.85
C PRO B 294 -0.33 53.13 -10.16
N SER B 295 -1.14 53.08 -9.10
CA SER B 295 -1.35 51.83 -8.36
C SER B 295 -2.03 50.75 -9.20
N THR B 296 -2.69 51.13 -10.30
CA THR B 296 -3.36 50.14 -11.14
C THR B 296 -2.37 49.27 -11.92
N GLN B 297 -1.11 49.71 -12.06
CA GLN B 297 -0.10 48.82 -12.62
C GLN B 297 0.05 47.57 -11.76
N GLY B 298 0.04 47.75 -10.43
CA GLY B 298 0.11 46.62 -9.53
C GLY B 298 -1.08 45.70 -9.64
N ASP B 299 -2.26 46.25 -9.87
CA ASP B 299 -3.44 45.43 -10.10
C ASP B 299 -3.25 44.56 -11.33
N LEU B 300 -2.78 45.14 -12.44
CA LEU B 300 -2.53 44.34 -13.62
C LEU B 300 -1.49 43.25 -13.34
N GLU B 301 -0.42 43.60 -12.61
CA GLU B 301 0.61 42.61 -12.33
C GLU B 301 0.08 41.46 -11.48
N ARG B 302 -0.92 41.71 -10.64
CA ARG B 302 -1.51 40.60 -9.88
C ARG B 302 -2.25 39.63 -10.81
N ILE B 303 -2.96 40.17 -11.82
CA ILE B 303 -3.60 39.31 -12.81
C ILE B 303 -2.54 38.52 -13.57
N ILE B 304 -1.45 39.18 -13.95
CA ILE B 304 -0.34 38.50 -14.65
C ILE B 304 0.18 37.36 -13.80
N ALA B 305 0.42 37.62 -12.51
CA ALA B 305 0.93 36.56 -11.65
C ALA B 305 -0.04 35.39 -11.55
N ALA B 306 -1.34 35.68 -11.47
CA ALA B 306 -2.34 34.61 -11.44
C ALA B 306 -2.34 33.84 -12.76
N MET B 307 -2.17 34.54 -13.89
CA MET B 307 -2.13 33.87 -15.18
C MET B 307 -0.98 32.87 -15.25
N LYS B 308 0.21 33.29 -14.82
CA LYS B 308 1.38 32.41 -14.84
C LYS B 308 1.16 31.18 -13.97
N MET B 309 0.63 31.39 -12.76
CA MET B 309 0.33 30.27 -11.87
C MET B 309 -0.66 29.31 -12.51
N MET B 310 -1.74 29.83 -13.11
CA MET B 310 -2.77 28.97 -13.65
C MET B 310 -2.35 28.28 -14.93
N LEU B 311 -1.31 28.78 -15.61
CA LEU B 311 -0.75 28.08 -16.76
C LEU B 311 0.27 27.03 -16.38
N GLY B 312 0.72 27.02 -15.13
CA GLY B 312 1.63 25.98 -14.67
C GLY B 312 3.07 26.16 -15.13
N THR C 4 22.38 -7.73 2.47
CA THR C 4 21.27 -7.82 1.51
C THR C 4 20.65 -9.22 1.51
N PRO C 5 19.82 -9.52 2.51
CA PRO C 5 19.00 -10.74 2.44
C PRO C 5 17.92 -10.60 1.39
N PHE C 6 17.48 -11.74 0.88
CA PHE C 6 16.43 -11.74 -0.14
C PHE C 6 15.11 -11.27 0.47
N ILE C 7 14.46 -10.32 -0.19
CA ILE C 7 13.13 -9.83 0.18
C ILE C 7 12.27 -9.83 -1.07
N ARG C 8 11.06 -10.38 -0.97
CA ARG C 8 10.14 -10.35 -2.10
C ARG C 8 9.76 -8.91 -2.42
N PRO C 9 9.51 -8.59 -3.69
CA PRO C 9 9.13 -7.20 -4.02
C PRO C 9 7.87 -6.74 -3.30
N ASP C 10 6.82 -7.57 -3.21
CA ASP C 10 5.64 -7.09 -2.51
C ASP C 10 5.91 -6.95 -1.01
N MET C 11 6.73 -7.84 -0.45
CA MET C 11 7.15 -7.69 0.94
C MET C 11 7.92 -6.39 1.14
N LYS C 12 8.84 -6.09 0.22
CA LYS C 12 9.66 -4.88 0.32
C LYS C 12 8.79 -3.63 0.31
N ALA C 13 7.77 -3.59 -0.55
CA ALA C 13 6.88 -2.43 -0.62
C ALA C 13 6.18 -2.19 0.71
N PHE C 14 5.76 -3.27 1.38
CA PHE C 14 5.13 -3.16 2.69
C PHE C 14 6.11 -2.63 3.73
N LEU C 15 7.35 -3.13 3.73
CA LEU C 15 8.35 -2.63 4.66
C LEU C 15 8.62 -1.14 4.44
N GLU C 16 8.65 -0.71 3.19
CA GLU C 16 8.91 0.71 2.91
C GLU C 16 7.75 1.58 3.41
N ALA C 17 6.52 1.10 3.29
CA ALA C 17 5.38 1.84 3.81
C ALA C 17 5.42 1.92 5.34
N ILE C 18 5.81 0.82 5.99
CA ILE C 18 5.95 0.86 7.44
C ILE C 18 7.02 1.85 7.84
N ALA C 19 8.12 1.89 7.10
CA ALA C 19 9.16 2.88 7.37
C ALA C 19 8.66 4.31 7.11
N ALA C 20 7.80 4.49 6.11
CA ALA C 20 7.22 5.82 5.86
C ALA C 20 6.31 6.24 6.99
N MET C 21 5.45 5.32 7.45
CA MET C 21 4.55 5.59 8.57
C MET C 21 5.31 6.07 9.79
N ALA C 22 6.43 5.43 10.10
CA ALA C 22 7.27 5.75 11.26
C ALA C 22 6.40 5.71 12.52
N GLY C 23 6.45 6.71 13.40
CA GLY C 23 5.59 6.74 14.56
C GLY C 23 6.25 6.14 15.78
N PRO C 24 5.55 6.16 16.92
CA PRO C 24 6.15 5.69 18.17
C PRO C 24 6.32 4.18 18.21
N THR C 25 7.23 3.74 19.07
CA THR C 25 7.38 2.33 19.38
C THR C 25 6.24 1.87 20.30
N LEU C 26 6.11 0.55 20.44
CA LEU C 26 5.09 0.01 21.34
C LEU C 26 5.31 0.50 22.77
N ALA C 27 6.57 0.59 23.20
CA ALA C 27 6.86 1.00 24.56
C ALA C 27 6.49 2.46 24.80
N GLU C 28 6.52 3.28 23.73
CA GLU C 28 6.20 4.69 23.84
C GLU C 28 4.70 4.95 23.82
N MET C 29 3.89 4.00 23.36
CA MET C 29 2.46 4.14 23.38
C MET C 29 1.90 3.75 24.74
N THR C 30 0.67 4.18 25.02
CA THR C 30 -0.07 3.53 26.08
C THR C 30 -0.37 2.10 25.65
N LEU C 31 -0.69 1.26 26.65
CA LEU C 31 -1.09 -0.12 26.36
C LEU C 31 -2.27 -0.16 25.42
N GLU C 32 -3.29 0.67 25.65
CA GLU C 32 -4.45 0.65 24.78
C GLU C 32 -4.06 1.07 23.36
N GLU C 33 -3.19 2.08 23.24
CA GLU C 33 -2.72 2.51 21.93
C GLU C 33 -1.95 1.39 21.24
N ALA C 34 -1.06 0.71 21.97
CA ALA C 34 -0.29 -0.39 21.41
C ALA C 34 -1.21 -1.48 20.88
N ARG C 35 -2.21 -1.87 21.66
CA ARG C 35 -3.17 -2.86 21.22
C ARG C 35 -3.94 -2.38 19.99
N ALA C 36 -4.39 -1.13 20.02
CA ALA C 36 -5.19 -0.62 18.90
C ALA C 36 -4.37 -0.60 17.61
N SER C 37 -3.07 -0.30 17.70
CA SER C 37 -2.25 -0.23 16.49
C SER C 37 -2.14 -1.59 15.82
N TYR C 38 -2.17 -2.68 16.60
CA TYR C 38 -2.15 -4.03 16.05
C TYR C 38 -3.45 -4.35 15.33
N VAL C 39 -4.58 -4.01 15.97
CA VAL C 39 -5.88 -4.13 15.32
C VAL C 39 -5.86 -3.41 13.97
N ALA C 40 -5.33 -2.19 13.97
CA ALA C 40 -5.35 -1.37 12.75
C ALA C 40 -4.44 -1.95 11.68
N LEU C 41 -3.27 -2.45 12.06
CA LEU C 41 -2.34 -3.00 11.09
C LEU C 41 -2.94 -4.22 10.40
N HIS C 42 -3.45 -5.18 11.19
CA HIS C 42 -4.08 -6.35 10.58
C HIS C 42 -5.36 -5.99 9.86
N GLY C 43 -6.09 -4.98 10.35
CA GLY C 43 -7.32 -4.58 9.66
C GLY C 43 -7.07 -4.13 8.24
N MET C 44 -5.98 -3.38 8.03
CA MET C 44 -5.69 -2.91 6.68
C MET C 44 -4.84 -3.88 5.87
N ALA C 45 -4.10 -4.79 6.51
CA ALA C 45 -3.14 -5.61 5.78
C ALA C 45 -3.67 -6.99 5.40
N ASP C 46 -4.66 -7.54 6.11
CA ASP C 46 -5.03 -8.92 5.84
C ASP C 46 -6.17 -8.99 4.83
N ARG C 47 -6.29 -10.16 4.21
CA ARG C 47 -7.45 -10.43 3.37
C ARG C 47 -8.71 -10.43 4.21
N PRO C 48 -9.87 -10.19 3.59
CA PRO C 48 -11.12 -10.17 4.35
C PRO C 48 -11.52 -11.56 4.85
N ALA C 49 -12.41 -11.56 5.83
CA ALA C 49 -12.91 -12.80 6.38
C ALA C 49 -13.61 -13.64 5.31
N ARG C 50 -13.44 -14.95 5.39
CA ARG C 50 -14.29 -15.86 4.64
C ARG C 50 -15.69 -15.88 5.22
N GLU C 51 -16.68 -16.08 4.36
CA GLU C 51 -18.02 -16.40 4.84
C GLU C 51 -18.04 -17.85 5.31
N LEU C 52 -18.65 -18.06 6.47
CA LEU C 52 -18.72 -19.40 7.05
C LEU C 52 -20.14 -19.64 7.56
N ALA C 53 -20.50 -20.92 7.65
CA ALA C 53 -21.79 -21.28 8.21
C ALA C 53 -21.89 -20.89 9.68
N VAL C 54 -20.80 -21.05 10.45
CA VAL C 54 -20.82 -20.87 11.89
C VAL C 54 -19.67 -19.97 12.31
N ILE C 55 -20.01 -18.85 12.96
CA ILE C 55 -19.03 -18.04 13.69
C ILE C 55 -19.72 -17.65 14.98
N ARG C 56 -19.29 -18.22 16.10
CA ARG C 56 -20.06 -18.12 17.33
C ARG C 56 -19.13 -17.86 18.51
N ASN C 57 -19.49 -16.89 19.34
CA ASN C 57 -18.75 -16.64 20.57
C ASN C 57 -19.24 -17.59 21.64
N LEU C 58 -18.31 -18.21 22.37
CA LEU C 58 -18.64 -19.05 23.51
C LEU C 58 -17.62 -18.76 24.60
N SER C 59 -17.69 -19.50 25.69
CA SER C 59 -16.67 -19.37 26.73
C SER C 59 -16.55 -20.71 27.43
N CYS C 60 -15.47 -20.87 28.17
CA CYS C 60 -15.33 -22.07 28.97
C CYS C 60 -14.68 -21.70 30.29
N PRO C 61 -14.81 -22.56 31.29
CA PRO C 61 -14.22 -22.24 32.59
C PRO C 61 -12.71 -22.29 32.54
N GLY C 62 -12.07 -21.42 33.31
CA GLY C 62 -10.62 -21.41 33.43
C GLY C 62 -10.19 -21.17 34.87
N PRO C 63 -8.88 -21.24 35.11
CA PRO C 63 -8.39 -21.08 36.48
C PRO C 63 -8.60 -19.70 37.07
N ALA C 64 -8.77 -18.67 36.24
CA ALA C 64 -8.98 -17.32 36.74
C ALA C 64 -10.39 -16.81 36.49
N GLY C 65 -11.25 -17.62 35.91
CA GLY C 65 -12.56 -17.20 35.48
C GLY C 65 -12.81 -17.69 34.08
N ASP C 66 -13.93 -17.26 33.51
CA ASP C 66 -14.32 -17.76 32.20
C ASP C 66 -13.34 -17.25 31.13
N ILE C 67 -13.08 -18.11 30.14
CA ILE C 67 -12.20 -17.79 29.02
C ILE C 67 -13.08 -17.59 27.80
N PRO C 68 -13.06 -16.41 27.17
CA PRO C 68 -13.84 -16.23 25.94
C PRO C 68 -13.22 -17.00 24.78
N LEU C 69 -14.08 -17.56 23.94
CA LEU C 69 -13.69 -18.36 22.78
C LEU C 69 -14.50 -17.93 21.57
N ARG C 70 -14.00 -18.25 20.38
CA ARG C 70 -14.78 -18.07 19.15
C ARG C 70 -14.64 -19.32 18.28
N LEU C 71 -15.78 -19.90 17.93
CA LEU C 71 -15.84 -21.08 17.08
C LEU C 71 -16.08 -20.68 15.63
N TYR C 72 -15.29 -21.25 14.73
CA TYR C 72 -15.41 -21.05 13.30
C TYR C 72 -15.65 -22.40 12.64
N ASP C 73 -16.67 -22.50 11.79
CA ASP C 73 -16.89 -23.73 11.05
C ASP C 73 -17.56 -23.44 9.73
N ALA C 74 -17.01 -24.01 8.66
CA ALA C 74 -17.63 -23.93 7.35
C ALA C 74 -18.90 -24.76 7.25
N ARG C 75 -19.16 -25.63 8.22
CA ARG C 75 -20.32 -26.52 8.21
C ARG C 75 -21.17 -26.26 9.45
N GLU C 76 -22.50 -26.27 9.27
CA GLU C 76 -23.38 -26.16 10.43
C GLU C 76 -23.40 -27.43 11.25
N SER C 77 -23.25 -28.58 10.60
CA SER C 77 -23.21 -29.85 11.29
C SER C 77 -22.09 -30.67 10.70
N ARG C 78 -21.36 -31.40 11.54
CA ARG C 78 -20.31 -32.26 11.03
C ARG C 78 -20.08 -33.41 11.99
N GLU C 79 -19.52 -34.49 11.44
CA GLU C 79 -19.22 -35.67 12.23
C GLU C 79 -18.02 -35.41 13.15
N ALA C 80 -17.78 -36.36 14.03
CA ALA C 80 -16.61 -36.30 14.90
C ALA C 80 -15.34 -36.24 14.06
N GLY C 81 -14.37 -35.46 14.52
CA GLY C 81 -13.12 -35.29 13.83
C GLY C 81 -12.20 -34.41 14.65
N PRO C 82 -11.02 -34.11 14.14
CA PRO C 82 -10.11 -33.23 14.88
C PRO C 82 -10.65 -31.81 14.91
N VAL C 83 -10.35 -31.11 15.99
CA VAL C 83 -10.72 -29.71 16.15
C VAL C 83 -9.45 -28.90 16.30
N ILE C 84 -9.35 -27.82 15.54
CA ILE C 84 -8.21 -26.92 15.61
C ILE C 84 -8.42 -25.95 16.77
N THR C 85 -7.39 -25.79 17.61
CA THR C 85 -7.45 -24.88 18.75
C THR C 85 -6.37 -23.83 18.54
N PHE C 86 -6.79 -22.59 18.32
CA PHE C 86 -5.93 -21.52 17.83
C PHE C 86 -5.62 -20.51 18.93
N TYR C 87 -4.35 -20.07 19.00
CA TYR C 87 -3.90 -19.06 19.94
C TYR C 87 -3.21 -17.95 19.16
N HIS C 88 -3.72 -16.73 19.29
CA HIS C 88 -3.21 -15.63 18.46
C HIS C 88 -1.83 -15.15 18.93
N GLY C 89 -1.14 -14.48 18.01
CA GLY C 89 0.12 -13.84 18.32
C GLY C 89 -0.07 -12.45 18.92
N GLY C 90 1.05 -11.80 19.23
CA GLY C 90 1.01 -10.52 19.90
C GLY C 90 1.86 -10.44 21.16
N GLY C 91 2.86 -11.31 21.28
CA GLY C 91 3.80 -11.18 22.38
C GLY C 91 3.26 -11.49 23.76
N PHE C 92 2.05 -12.04 23.84
CA PHE C 92 1.25 -12.24 25.05
C PHE C 92 0.79 -10.93 25.66
N VAL C 93 0.87 -9.82 24.90
CA VAL C 93 0.52 -8.49 25.37
C VAL C 93 -0.60 -7.87 24.53
N ILE C 94 -0.52 -8.02 23.20
CA ILE C 94 -1.52 -7.45 22.30
C ILE C 94 -2.20 -8.55 21.52
N GLY C 95 -3.15 -8.18 20.66
CA GLY C 95 -3.95 -9.13 19.92
C GLY C 95 -5.20 -9.55 20.68
N ASP C 96 -6.17 -10.08 19.94
CA ASP C 96 -7.40 -10.59 20.55
C ASP C 96 -8.10 -11.48 19.53
N LEU C 97 -9.40 -11.72 19.74
CA LEU C 97 -10.12 -12.56 18.78
C LEU C 97 -10.30 -11.87 17.44
N ASP C 98 -10.27 -10.54 17.41
CA ASP C 98 -10.50 -9.82 16.16
C ASP C 98 -9.23 -9.62 15.34
N THR C 99 -8.06 -9.47 15.98
CA THR C 99 -6.84 -9.25 15.22
C THR C 99 -6.52 -10.44 14.31
N HIS C 100 -6.96 -11.64 14.69
CA HIS C 100 -6.65 -12.86 13.95
C HIS C 100 -7.91 -13.50 13.39
N HIS C 101 -9.03 -12.77 13.40
CA HIS C 101 -10.31 -13.32 12.99
C HIS C 101 -10.29 -13.78 11.54
N ASN C 102 -9.85 -12.91 10.62
CA ASN C 102 -9.86 -13.28 9.21
C ASN C 102 -8.99 -14.51 8.95
N LEU C 103 -7.81 -14.56 9.57
CA LEU C 103 -6.96 -15.74 9.44
C LEU C 103 -7.69 -16.99 9.92
N CYS C 104 -8.40 -16.89 11.06
CA CYS C 104 -9.14 -18.06 11.55
C CYS C 104 -10.21 -18.49 10.55
N THR C 105 -10.93 -17.54 9.95
CA THR C 105 -11.92 -17.94 8.95
C THR C 105 -11.25 -18.60 7.75
N GLU C 106 -10.03 -18.16 7.42
CA GLU C 106 -9.31 -18.77 6.30
C GLU C 106 -8.89 -20.19 6.64
N ILE C 107 -8.34 -20.40 7.84
CA ILE C 107 -7.96 -21.74 8.25
C ILE C 107 -9.18 -22.65 8.26
N ALA C 108 -10.30 -22.16 8.79
CA ALA C 108 -11.51 -22.98 8.82
C ALA C 108 -12.00 -23.31 7.41
N ALA C 109 -11.99 -22.32 6.52
CA ALA C 109 -12.46 -22.56 5.15
C ALA C 109 -11.55 -23.52 4.41
N LEU C 110 -10.23 -23.34 4.53
CA LEU C 110 -9.31 -24.15 3.73
C LEU C 110 -9.12 -25.56 4.31
N MET C 111 -9.19 -25.72 5.63
CA MET C 111 -9.03 -27.05 6.22
C MET C 111 -10.32 -27.86 6.25
N ASP C 112 -11.48 -27.21 6.16
CA ASP C 112 -12.76 -27.87 6.38
C ASP C 112 -12.74 -28.61 7.71
N LEU C 113 -12.31 -27.90 8.75
CA LEU C 113 -12.32 -28.39 10.11
C LEU C 113 -12.74 -27.23 11.01
N PRO C 114 -13.36 -27.52 12.15
CA PRO C 114 -13.72 -26.43 13.07
C PRO C 114 -12.48 -25.85 13.71
N VAL C 115 -12.54 -24.55 13.99
CA VAL C 115 -11.47 -23.80 14.62
C VAL C 115 -12.06 -23.11 15.84
N VAL C 116 -11.40 -23.27 16.99
CA VAL C 116 -11.77 -22.56 18.21
C VAL C 116 -10.60 -21.67 18.59
N ALA C 117 -10.78 -20.34 18.48
CA ALA C 117 -9.77 -19.38 18.90
C ALA C 117 -9.96 -19.03 20.38
N VAL C 118 -8.85 -18.81 21.07
CA VAL C 118 -8.84 -18.61 22.53
C VAL C 118 -8.51 -17.15 22.83
N ASP C 119 -9.37 -16.49 23.61
CA ASP C 119 -9.11 -15.10 24.01
C ASP C 119 -8.40 -15.14 25.37
N TYR C 120 -7.13 -15.52 25.35
CA TYR C 120 -6.44 -15.75 26.62
C TYR C 120 -6.06 -14.44 27.30
N ARG C 121 -5.87 -14.52 28.61
CA ARG C 121 -5.45 -13.37 29.41
C ARG C 121 -4.07 -12.85 28.98
N LEU C 122 -3.95 -11.52 28.94
CA LEU C 122 -2.79 -10.82 28.43
C LEU C 122 -1.99 -10.15 29.52
N ALA C 123 -0.69 -10.08 29.30
CA ALA C 123 0.21 -9.27 30.09
C ALA C 123 0.19 -7.82 29.57
N PRO C 124 0.67 -6.85 30.36
CA PRO C 124 1.24 -6.96 31.71
C PRO C 124 0.21 -7.19 32.81
N GLU C 125 -1.09 -7.02 32.50
CA GLU C 125 -2.10 -7.17 33.54
C GLU C 125 -2.07 -8.57 34.14
N HIS C 126 -1.86 -9.59 33.29
CA HIS C 126 -1.78 -10.98 33.71
C HIS C 126 -0.45 -11.55 33.22
N PRO C 127 0.59 -11.54 34.05
CA PRO C 127 1.90 -12.01 33.61
C PRO C 127 1.89 -13.51 33.37
N PHE C 128 2.97 -13.98 32.78
CA PHE C 128 3.30 -15.39 32.67
C PHE C 128 3.01 -16.11 33.99
N PRO C 129 2.34 -17.27 33.97
CA PRO C 129 1.90 -18.05 32.81
C PRO C 129 0.41 -17.92 32.46
N ALA C 130 -0.18 -16.75 32.70
CA ALA C 130 -1.64 -16.63 32.53
C ALA C 130 -2.08 -17.05 31.14
N ALA C 131 -1.39 -16.58 30.10
CA ALA C 131 -1.76 -16.94 28.74
C ALA C 131 -1.76 -18.46 28.55
N ILE C 132 -0.72 -19.13 29.08
CA ILE C 132 -0.61 -20.58 28.95
C ILE C 132 -1.72 -21.28 29.71
N GLU C 133 -2.02 -20.84 30.95
CA GLU C 133 -3.12 -21.39 31.71
C GLU C 133 -4.40 -21.40 30.89
N ASP C 134 -4.70 -20.29 30.22
CA ASP C 134 -5.96 -20.19 29.48
C ASP C 134 -5.92 -21.03 28.20
N CYS C 135 -4.82 -20.97 27.46
CA CYS C 135 -4.71 -21.81 26.27
C CYS C 135 -4.81 -23.29 26.63
N GLU C 136 -4.17 -23.72 27.71
CA GLU C 136 -4.27 -25.12 28.08
C GLU C 136 -5.69 -25.48 28.49
N ALA C 137 -6.30 -24.66 29.35
CA ALA C 137 -7.65 -24.94 29.83
C ALA C 137 -8.64 -25.00 28.67
N ALA C 138 -8.55 -24.04 27.75
CA ALA C 138 -9.48 -24.02 26.63
C ALA C 138 -9.27 -25.23 25.72
N THR C 139 -8.02 -25.65 25.53
CA THR C 139 -7.75 -26.80 24.68
C THR C 139 -8.26 -28.09 25.32
N ARG C 140 -8.04 -28.27 26.62
CA ARG C 140 -8.61 -29.42 27.32
C ARG C 140 -10.13 -29.40 27.23
N TRP C 141 -10.73 -28.22 27.35
CA TRP C 141 -12.18 -28.11 27.28
C TRP C 141 -12.69 -28.54 25.91
N VAL C 142 -12.09 -28.01 24.84
CA VAL C 142 -12.48 -28.44 23.50
C VAL C 142 -12.30 -29.95 23.36
N ALA C 143 -11.19 -30.48 23.90
CA ALA C 143 -10.89 -31.91 23.79
C ALA C 143 -11.93 -32.77 24.50
N SER C 144 -12.74 -32.20 25.38
CA SER C 144 -13.76 -32.97 26.10
C SER C 144 -15.09 -33.05 25.35
N SER C 145 -15.19 -32.47 24.16
CA SER C 145 -16.41 -32.46 23.37
C SER C 145 -17.61 -31.97 24.18
N PRO C 146 -17.54 -30.75 24.73
CA PRO C 146 -18.68 -30.23 25.50
C PRO C 146 -19.85 -29.96 24.58
N SER C 147 -21.06 -30.02 25.16
CA SER C 147 -22.25 -29.85 24.34
C SER C 147 -22.33 -28.44 23.76
N GLU C 148 -21.82 -27.44 24.47
CA GLU C 148 -21.87 -26.05 23.97
C GLU C 148 -21.08 -25.87 22.69
N LEU C 149 -20.13 -26.75 22.40
CA LEU C 149 -19.33 -26.61 21.18
C LEU C 149 -20.10 -27.12 19.97
N GLY C 150 -20.99 -28.08 20.16
CA GLY C 150 -21.76 -28.62 19.06
C GLY C 150 -20.96 -29.47 18.09
N ARG C 151 -19.74 -29.83 18.46
CA ARG C 151 -18.88 -30.68 17.65
C ARG C 151 -18.21 -31.68 18.56
N THR C 152 -18.02 -32.89 18.05
CA THR C 152 -17.29 -33.91 18.76
C THR C 152 -15.85 -33.91 18.27
N ALA C 153 -14.91 -33.82 19.19
CA ALA C 153 -13.49 -33.84 18.88
C ALA C 153 -12.95 -35.25 19.03
N SER C 154 -12.36 -35.78 17.96
CA SER C 154 -11.60 -37.02 18.05
C SER C 154 -10.13 -36.78 18.36
N GLY C 155 -9.69 -35.52 18.26
CA GLY C 155 -8.33 -35.11 18.56
C GLY C 155 -8.33 -33.59 18.51
N VAL C 156 -7.23 -32.98 18.91
CA VAL C 156 -7.12 -31.54 18.82
C VAL C 156 -5.86 -31.18 18.06
N ILE C 157 -5.90 -30.00 17.42
CA ILE C 157 -4.79 -29.51 16.63
C ILE C 157 -4.41 -28.11 17.12
N PRO C 158 -3.47 -28.00 18.05
CA PRO C 158 -3.01 -26.68 18.49
C PRO C 158 -2.26 -25.97 17.38
N ILE C 159 -2.58 -24.69 17.21
CA ILE C 159 -1.94 -23.88 16.18
C ILE C 159 -1.91 -22.45 16.67
N GLY C 160 -0.88 -21.71 16.29
CA GLY C 160 -0.86 -20.30 16.62
C GLY C 160 0.40 -19.66 16.07
N ASP C 161 0.37 -18.34 15.99
CA ASP C 161 1.46 -17.56 15.45
C ASP C 161 2.20 -16.82 16.55
N SER C 162 3.53 -16.81 16.47
CA SER C 162 4.39 -15.96 17.31
C SER C 162 4.20 -16.40 18.76
N ALA C 163 3.73 -15.56 19.68
CA ALA C 163 3.43 -16.02 21.02
C ALA C 163 2.44 -17.18 21.00
N GLY C 164 1.51 -17.16 20.04
CA GLY C 164 0.59 -18.27 19.89
C GLY C 164 1.27 -19.55 19.46
N GLY C 165 2.43 -19.44 18.80
CA GLY C 165 3.21 -20.61 18.43
C GLY C 165 3.99 -21.14 19.62
N ASN C 166 4.50 -20.24 20.46
CA ASN C 166 4.98 -20.63 21.78
C ASN C 166 3.92 -21.41 22.56
N ALA C 167 2.70 -20.85 22.64
CA ALA C 167 1.61 -21.50 23.36
C ALA C 167 1.27 -22.85 22.74
N THR C 168 1.32 -22.93 21.41
CA THR C 168 1.07 -24.20 20.72
C THR C 168 1.97 -25.30 21.27
N ILE C 169 3.27 -25.01 21.35
CA ILE C 169 4.21 -26.02 21.80
C ILE C 169 4.00 -26.36 23.27
N VAL C 170 3.82 -25.34 24.10
CA VAL C 170 3.65 -25.56 25.52
C VAL C 170 2.40 -26.39 25.79
N VAL C 171 1.30 -26.04 25.12
CA VAL C 171 0.05 -26.80 25.26
C VAL C 171 0.26 -28.25 24.86
N SER C 172 0.95 -28.49 23.74
CA SER C 172 1.23 -29.87 23.33
C SER C 172 2.06 -30.61 24.38
N GLN C 173 3.02 -29.92 25.00
CA GLN C 173 3.82 -30.59 26.03
C GLN C 173 2.99 -30.86 27.29
N LEU C 174 2.14 -29.91 27.68
CA LEU C 174 1.31 -30.09 28.88
C LEU C 174 0.32 -31.22 28.69
N LEU C 175 -0.31 -31.28 27.52
CA LEU C 175 -1.23 -32.38 27.25
C LEU C 175 -0.49 -33.69 27.03
N GLY C 176 0.75 -33.63 26.55
CA GLY C 176 1.54 -34.84 26.45
C GLY C 176 1.84 -35.43 27.81
N ALA C 177 2.13 -34.58 28.78
CA ALA C 177 2.44 -35.05 30.13
C ALA C 177 1.19 -35.49 30.87
N LYS C 178 0.06 -34.82 30.63
CA LYS C 178 -1.19 -35.14 31.32
C LYS C 178 -2.29 -35.06 30.28
N PRO C 179 -2.63 -36.19 29.64
CA PRO C 179 -3.50 -36.16 28.47
C PRO C 179 -4.86 -35.57 28.74
N ALA C 180 -5.39 -34.92 27.70
CA ALA C 180 -6.79 -34.51 27.67
C ALA C 180 -7.62 -35.72 27.25
N ASP C 181 -8.92 -35.51 27.02
CA ASP C 181 -9.79 -36.63 26.67
C ASP C 181 -9.47 -37.24 25.32
N VAL C 182 -8.87 -36.47 24.43
CA VAL C 182 -8.37 -36.96 23.14
C VAL C 182 -6.96 -36.43 22.96
N PRO C 183 -6.18 -37.05 22.09
CA PRO C 183 -4.78 -36.64 21.92
C PRO C 183 -4.62 -35.40 21.05
N VAL C 184 -3.44 -34.79 21.17
CA VAL C 184 -2.96 -33.84 20.17
C VAL C 184 -2.51 -34.65 18.95
N VAL C 185 -3.23 -34.50 17.82
CA VAL C 185 -2.90 -35.29 16.64
C VAL C 185 -1.93 -34.59 15.70
N LEU C 186 -1.69 -33.30 15.91
CA LEU C 186 -0.85 -32.47 15.07
C LEU C 186 -0.71 -31.13 15.76
N GLN C 187 0.49 -30.55 15.76
CA GLN C 187 0.65 -29.18 16.24
C GLN C 187 1.29 -28.34 15.13
N VAL C 188 0.90 -27.07 15.07
CA VAL C 188 1.37 -26.18 14.00
C VAL C 188 1.86 -24.86 14.60
N PRO C 189 3.06 -24.83 15.20
CA PRO C 189 3.61 -23.56 15.69
C PRO C 189 4.16 -22.74 14.53
N ILE C 190 3.62 -21.53 14.35
CA ILE C 190 3.98 -20.66 13.24
C ILE C 190 4.79 -19.49 13.79
N PHE C 191 5.95 -19.23 13.17
CA PHE C 191 7.06 -18.40 13.68
C PHE C 191 7.04 -18.36 15.22
N PRO C 192 7.22 -19.50 15.86
CA PRO C 192 7.09 -19.56 17.32
C PRO C 192 8.33 -19.03 18.02
N LEU C 193 8.12 -18.61 19.26
CA LEU C 193 9.21 -18.44 20.21
C LEU C 193 9.36 -19.74 21.00
N ALA C 194 10.40 -20.50 20.71
CA ALA C 194 10.66 -21.77 21.39
C ALA C 194 11.86 -21.70 22.30
N SER C 195 13.01 -21.29 21.77
CA SER C 195 14.17 -20.97 22.57
C SER C 195 14.27 -19.45 22.70
N ASP C 196 14.98 -19.02 23.75
CA ASP C 196 15.26 -17.60 23.95
C ASP C 196 15.95 -17.02 22.71
N ALA C 197 15.39 -15.94 22.17
CA ALA C 197 15.97 -15.32 20.98
C ALA C 197 17.20 -14.48 21.31
N VAL C 198 17.37 -14.09 22.57
CA VAL C 198 18.52 -13.28 22.96
C VAL C 198 19.80 -14.02 22.61
N GLY C 199 20.67 -13.36 21.87
CA GLY C 199 21.93 -13.95 21.45
C GLY C 199 21.89 -14.67 20.11
N SER C 200 20.71 -14.82 19.50
CA SER C 200 20.63 -15.51 18.22
C SER C 200 21.12 -14.62 17.09
N ALA C 201 21.64 -15.25 16.04
CA ALA C 201 22.05 -14.49 14.87
C ALA C 201 20.87 -13.79 14.22
N SER C 202 19.71 -14.45 14.17
CA SER C 202 18.57 -13.83 13.49
C SER C 202 18.11 -12.59 14.24
N LEU C 203 18.20 -12.57 15.57
CA LEU C 203 17.75 -11.39 16.33
C LEU C 203 18.60 -10.18 15.98
N GLU C 204 19.92 -10.36 15.87
CA GLU C 204 20.76 -9.21 15.52
C GLU C 204 20.60 -8.81 14.06
N ALA C 205 20.43 -9.79 13.15
CA ALA C 205 20.33 -9.49 11.73
C ALA C 205 19.04 -8.74 11.40
N PHE C 206 17.95 -9.04 12.10
CA PHE C 206 16.65 -8.50 11.71
C PHE C 206 16.05 -7.64 12.83
N ALA C 207 16.93 -6.99 13.62
CA ALA C 207 16.49 -6.28 14.81
C ALA C 207 15.63 -5.06 14.47
N GLU C 208 15.83 -4.46 13.30
CA GLU C 208 15.04 -3.31 12.87
C GLU C 208 14.66 -3.45 11.41
N GLY C 209 13.47 -2.95 11.06
CA GLY C 209 13.07 -2.85 9.68
C GLY C 209 12.34 -4.06 9.13
N PHE C 210 12.02 -5.04 9.95
CA PHE C 210 11.36 -6.25 9.45
C PHE C 210 10.07 -6.53 10.23
N VAL C 211 9.29 -5.47 10.46
CA VAL C 211 7.97 -5.52 11.11
C VAL C 211 8.13 -5.82 12.60
N LEU C 212 8.48 -7.05 12.94
CA LEU C 212 8.79 -7.38 14.33
C LEU C 212 10.20 -6.90 14.64
N THR C 213 10.33 -6.05 15.66
CA THR C 213 11.61 -5.46 16.02
C THR C 213 12.11 -6.00 17.34
N LYS C 214 13.42 -5.87 17.53
CA LYS C 214 14.02 -6.22 18.81
C LYS C 214 13.40 -5.39 19.93
N ALA C 215 13.10 -4.11 19.65
CA ALA C 215 12.45 -3.27 20.66
C ALA C 215 11.11 -3.84 21.09
N SER C 216 10.30 -4.30 20.13
CA SER C 216 9.01 -4.89 20.47
C SER C 216 9.19 -6.19 21.25
N ILE C 217 10.15 -7.02 20.85
CA ILE C 217 10.41 -8.26 21.58
C ILE C 217 10.75 -7.96 23.02
N GLU C 218 11.59 -6.94 23.25
CA GLU C 218 11.95 -6.55 24.61
C GLU C 218 10.76 -5.98 25.38
N PHE C 219 9.92 -5.19 24.70
CA PHE C 219 8.70 -4.68 25.31
C PHE C 219 7.78 -5.82 25.77
N PHE C 220 7.57 -6.82 24.91
CA PHE C 220 6.73 -7.95 25.28
C PHE C 220 7.32 -8.74 26.45
N ASP C 221 8.64 -8.94 26.42
CA ASP C 221 9.32 -9.70 27.46
C ASP C 221 9.19 -9.02 28.82
N THR C 222 9.38 -7.69 28.86
CA THR C 222 9.22 -6.96 30.11
C THR C 222 7.81 -7.09 30.67
N ALA C 223 6.80 -7.18 29.80
CA ALA C 223 5.43 -7.25 30.27
C ALA C 223 5.08 -8.66 30.74
N TYR C 224 5.46 -9.68 29.98
CA TYR C 224 5.03 -11.04 30.23
C TYR C 224 5.80 -11.68 31.38
N LYS C 225 7.12 -11.44 31.44
CA LYS C 225 7.97 -11.91 32.55
C LYS C 225 8.06 -13.44 32.62
N ALA C 226 8.27 -14.08 31.48
CA ALA C 226 8.51 -15.52 31.46
C ALA C 226 9.86 -15.85 32.08
N ASP C 227 9.88 -16.91 32.87
CA ASP C 227 11.10 -17.39 33.52
C ASP C 227 11.95 -18.17 32.52
N ARG C 228 13.22 -17.77 32.38
CA ARG C 228 14.11 -18.37 31.40
C ARG C 228 14.34 -19.87 31.64
N ALA C 229 14.13 -20.35 32.86
CA ALA C 229 14.38 -21.74 33.19
C ALA C 229 13.11 -22.58 33.17
N ASP C 230 11.97 -21.96 32.85
CA ASP C 230 10.67 -22.60 32.90
C ASP C 230 10.31 -23.06 31.50
N PRO C 231 10.07 -24.36 31.29
CA PRO C 231 9.72 -24.84 29.94
C PRO C 231 8.37 -24.33 29.45
N ARG C 232 7.52 -23.81 30.33
CA ARG C 232 6.28 -23.16 29.91
C ARG C 232 6.51 -21.77 29.32
N GLY C 233 7.66 -21.18 29.61
CA GLY C 233 8.09 -19.96 28.96
C GLY C 233 8.91 -20.22 27.72
N PHE C 234 9.81 -21.21 27.78
CA PHE C 234 10.76 -21.49 26.70
C PHE C 234 10.71 -22.99 26.44
N PRO C 235 9.77 -23.44 25.62
CA PRO C 235 9.51 -24.89 25.51
C PRO C 235 10.59 -25.66 24.77
N ILE C 236 11.64 -25.00 24.25
CA ILE C 236 12.82 -25.76 23.85
C ILE C 236 13.33 -26.59 25.01
N LEU C 237 13.07 -26.15 26.24
CA LEU C 237 13.53 -26.83 27.45
C LEU C 237 12.72 -28.06 27.79
N GLY C 238 11.60 -28.28 27.13
CA GLY C 238 10.72 -29.37 27.46
C GLY C 238 11.21 -30.69 26.91
N ASP C 239 10.44 -31.73 27.23
CA ASP C 239 10.73 -33.10 26.81
C ASP C 239 10.13 -33.32 25.42
N HIS C 240 10.98 -33.50 24.41
CA HIS C 240 10.53 -33.65 23.04
C HIS C 240 10.32 -35.11 22.63
N THR C 241 10.58 -36.07 23.53
CA THR C 241 10.64 -37.46 23.12
C THR C 241 9.30 -38.02 22.66
N ALA C 242 8.17 -37.43 23.07
CA ALA C 242 6.88 -37.88 22.59
C ALA C 242 6.10 -36.75 21.92
N ALA C 243 6.81 -35.78 21.35
CA ALA C 243 6.13 -34.66 20.68
C ALA C 243 5.18 -35.18 19.61
N PRO C 244 4.01 -34.57 19.45
CA PRO C 244 3.10 -35.02 18.40
C PRO C 244 3.65 -34.65 17.04
N PRO C 245 3.03 -35.15 15.96
CA PRO C 245 3.43 -34.72 14.62
C PRO C 245 3.35 -33.20 14.54
N THR C 246 4.33 -32.60 13.88
CA THR C 246 4.52 -31.16 13.98
C THR C 246 4.81 -30.55 12.62
N ILE C 247 4.27 -29.37 12.41
CA ILE C 247 4.67 -28.51 11.30
C ILE C 247 5.17 -27.22 11.91
N VAL C 248 6.46 -26.91 11.70
CA VAL C 248 7.05 -25.65 12.13
C VAL C 248 7.21 -24.76 10.90
N ALA C 249 6.59 -23.59 10.93
CA ALA C 249 6.71 -22.62 9.85
C ALA C 249 7.42 -21.39 10.38
N THR C 250 8.42 -20.91 9.64
CA THR C 250 9.17 -19.73 10.02
C THR C 250 9.21 -18.77 8.83
N ALA C 251 9.78 -17.59 9.08
CA ALA C 251 10.02 -16.60 8.04
C ALA C 251 11.51 -16.30 7.98
N SER C 252 12.05 -16.22 6.76
CA SER C 252 13.50 -16.07 6.61
C SER C 252 14.00 -14.74 7.13
N LEU C 253 13.16 -13.71 7.19
CA LEU C 253 13.54 -12.37 7.65
C LEU C 253 13.07 -12.10 9.09
N ASP C 254 12.86 -13.11 9.87
CA ASP C 254 12.28 -13.01 11.20
C ASP C 254 13.37 -12.93 12.25
N PRO C 255 13.39 -11.91 13.13
CA PRO C 255 14.39 -11.92 14.21
C PRO C 255 14.32 -13.15 15.10
N ILE C 256 13.17 -13.81 15.23
CA ILE C 256 13.09 -15.04 16.03
C ILE C 256 13.05 -16.28 15.15
N ARG C 257 13.47 -16.14 13.89
CA ARG C 257 13.57 -17.28 12.99
C ARG C 257 14.39 -18.42 13.59
N ASP C 258 15.53 -18.09 14.19
CA ASP C 258 16.42 -19.15 14.71
C ASP C 258 15.80 -19.91 15.87
N SER C 259 14.87 -19.28 16.60
CA SER C 259 14.11 -19.99 17.62
C SER C 259 13.31 -21.13 17.01
N GLY C 260 12.66 -20.87 15.87
CA GLY C 260 11.93 -21.92 15.18
C GLY C 260 12.84 -22.99 14.59
N ARG C 261 13.97 -22.57 14.02
CA ARG C 261 14.97 -23.54 13.57
C ARG C 261 15.40 -24.44 14.72
N ASP C 262 15.69 -23.85 15.89
CA ASP C 262 16.09 -24.62 17.06
C ASP C 262 15.06 -25.67 17.42
N TYR C 263 13.77 -25.30 17.40
CA TYR C 263 12.75 -26.25 17.82
C TYR C 263 12.64 -27.41 16.84
N ALA C 264 12.63 -27.13 15.53
CA ALA C 264 12.54 -28.22 14.56
C ALA C 264 13.75 -29.13 14.66
N LYS C 265 14.94 -28.56 14.90
CA LYS C 265 16.12 -29.41 15.06
C LYS C 265 15.99 -30.31 16.28
N ALA C 266 15.43 -29.78 17.36
CA ALA C 266 15.26 -30.58 18.57
C ALA C 266 14.29 -31.74 18.34
N LEU C 267 13.25 -31.53 17.53
CA LEU C 267 12.33 -32.62 17.24
C LEU C 267 12.99 -33.70 16.41
N VAL C 268 13.77 -33.31 15.38
CA VAL C 268 14.51 -34.30 14.60
C VAL C 268 15.50 -35.04 15.51
N GLU C 269 16.17 -34.30 16.39
CA GLU C 269 17.10 -34.92 17.32
C GLU C 269 16.43 -35.97 18.19
N ALA C 270 15.16 -35.75 18.52
CA ALA C 270 14.40 -36.70 19.34
C ALA C 270 13.68 -37.75 18.49
N GLY C 271 13.87 -37.76 17.18
CA GLY C 271 13.25 -38.76 16.32
C GLY C 271 11.79 -38.53 16.01
N ARG C 272 11.31 -37.29 16.10
CA ARG C 272 9.89 -36.99 15.91
C ARG C 272 9.64 -36.53 14.48
N ASP C 273 8.43 -36.81 13.99
CA ASP C 273 8.07 -36.40 12.63
C ASP C 273 7.80 -34.90 12.60
N VAL C 274 8.44 -34.20 11.68
CA VAL C 274 8.28 -32.75 11.62
C VAL C 274 8.46 -32.28 10.19
N VAL C 275 7.59 -31.33 9.80
CA VAL C 275 7.75 -30.60 8.55
C VAL C 275 8.31 -29.24 8.94
N TYR C 276 9.45 -28.86 8.37
CA TYR C 276 10.04 -27.54 8.59
C TYR C 276 9.92 -26.74 7.30
N LEU C 277 9.21 -25.60 7.37
CA LEU C 277 9.02 -24.74 6.21
C LEU C 277 9.46 -23.33 6.58
N GLU C 278 10.45 -22.81 5.88
CA GLU C 278 10.95 -21.46 6.13
C GLU C 278 10.61 -20.63 4.90
N MET C 279 9.63 -19.74 5.04
CA MET C 279 9.16 -18.97 3.90
C MET C 279 10.19 -17.92 3.53
N GLU C 280 10.56 -17.88 2.25
CA GLU C 280 11.73 -17.12 1.84
C GLU C 280 11.31 -15.73 1.38
N GLY C 281 11.95 -14.71 1.94
CA GLY C 281 11.73 -13.34 1.52
C GLY C 281 10.54 -12.64 2.16
N VAL C 282 9.98 -13.20 3.24
CA VAL C 282 8.89 -12.56 3.97
C VAL C 282 9.27 -12.49 5.44
N THR C 283 8.49 -11.71 6.19
CA THR C 283 8.79 -11.39 7.57
C THR C 283 7.95 -12.21 8.54
N HIS C 284 8.31 -12.09 9.81
CA HIS C 284 7.40 -12.37 10.91
C HIS C 284 6.02 -11.83 10.61
N GLY C 285 5.00 -12.58 10.99
CA GLY C 285 3.63 -12.14 10.86
C GLY C 285 3.03 -12.30 9.48
N PHE C 286 3.62 -13.10 8.59
CA PHE C 286 3.12 -13.14 7.23
C PHE C 286 1.71 -13.70 7.12
N THR C 287 1.22 -14.42 8.13
CA THR C 287 -0.11 -15.01 8.06
C THR C 287 -1.22 -13.98 8.10
N ASN C 288 -0.93 -12.74 8.50
CA ASN C 288 -1.99 -11.75 8.67
C ASN C 288 -1.79 -10.52 7.80
N ILE C 289 -0.98 -10.61 6.75
CA ILE C 289 -0.78 -9.47 5.86
C ILE C 289 -1.05 -9.91 4.43
N ARG C 290 -2.06 -10.77 4.26
CA ARG C 290 -2.23 -11.47 2.99
C ARG C 290 -2.84 -10.61 1.89
N ALA C 291 -3.40 -9.43 2.23
CA ALA C 291 -3.83 -8.47 1.21
C ALA C 291 -2.73 -7.47 0.86
N ALA C 292 -2.04 -6.93 1.87
CA ALA C 292 -0.96 -5.97 1.60
C ALA C 292 0.24 -6.61 0.92
N VAL C 293 0.51 -7.88 1.22
CA VAL C 293 1.62 -8.62 0.61
C VAL C 293 0.98 -9.87 0.02
N PRO C 294 0.44 -9.79 -1.20
CA PRO C 294 -0.41 -10.88 -1.71
C PRO C 294 0.28 -12.23 -1.77
N SER C 295 1.61 -12.27 -1.91
CA SER C 295 2.32 -13.55 -2.00
C SER C 295 2.25 -14.33 -0.70
N THR C 296 1.90 -13.68 0.42
CA THR C 296 1.81 -14.42 1.68
C THR C 296 0.58 -15.31 1.74
N GLN C 297 -0.44 -15.07 0.91
CA GLN C 297 -1.54 -16.04 0.83
C GLN C 297 -1.02 -17.42 0.42
N GLY C 298 -0.07 -17.45 -0.52
CA GLY C 298 0.52 -18.72 -0.91
C GLY C 298 1.35 -19.36 0.19
N ASP C 299 2.01 -18.55 1.02
CA ASP C 299 2.74 -19.11 2.16
C ASP C 299 1.78 -19.79 3.12
N LEU C 300 0.63 -19.15 3.40
CA LEU C 300 -0.37 -19.79 4.24
C LEU C 300 -0.91 -21.06 3.61
N GLU C 301 -1.09 -21.04 2.28
CA GLU C 301 -1.62 -22.23 1.62
C GLU C 301 -0.63 -23.40 1.66
N ARG C 302 0.67 -23.11 1.73
CA ARG C 302 1.64 -24.20 1.86
C ARG C 302 1.54 -24.84 3.24
N ILE C 303 1.35 -24.04 4.28
CA ILE C 303 1.11 -24.59 5.62
C ILE C 303 -0.15 -25.46 5.61
N ILE C 304 -1.22 -24.97 5.00
CA ILE C 304 -2.47 -25.71 4.91
C ILE C 304 -2.24 -27.06 4.24
N ALA C 305 -1.52 -27.07 3.12
CA ALA C 305 -1.24 -28.33 2.43
C ALA C 305 -0.42 -29.28 3.30
N ALA C 306 0.58 -28.75 4.02
CA ALA C 306 1.35 -29.60 4.93
C ALA C 306 0.46 -30.16 6.03
N MET C 307 -0.51 -29.37 6.51
CA MET C 307 -1.41 -29.86 7.55
C MET C 307 -2.28 -31.01 7.05
N LYS C 308 -2.86 -30.87 5.85
CA LYS C 308 -3.67 -31.96 5.31
C LYS C 308 -2.83 -33.21 5.12
N MET C 309 -1.60 -33.03 4.63
CA MET C 309 -0.71 -34.18 4.45
C MET C 309 -0.44 -34.85 5.80
N MET C 310 -0.06 -34.08 6.81
CA MET C 310 0.30 -34.70 8.09
C MET C 310 -0.89 -35.33 8.79
N LEU C 311 -2.12 -34.91 8.47
CA LEU C 311 -3.31 -35.53 9.04
C LEU C 311 -3.76 -36.78 8.31
N GLY C 312 -3.22 -37.04 7.12
CA GLY C 312 -3.54 -38.27 6.40
C GLY C 312 -4.88 -38.22 5.68
N THR D 4 14.26 -53.37 24.91
CA THR D 4 13.65 -52.07 25.15
C THR D 4 12.97 -51.44 23.92
N PRO D 5 13.67 -51.32 22.78
CA PRO D 5 13.11 -50.52 21.68
C PRO D 5 11.84 -51.14 21.10
N PHE D 6 10.91 -50.26 20.71
CA PHE D 6 9.66 -50.70 20.12
C PHE D 6 9.90 -51.34 18.76
N ILE D 7 9.28 -52.49 18.54
CA ILE D 7 9.31 -53.20 17.25
C ILE D 7 7.89 -53.59 16.91
N ARG D 8 7.46 -53.31 15.69
CA ARG D 8 6.15 -53.74 15.26
C ARG D 8 6.09 -55.28 15.28
N PRO D 9 4.93 -55.85 15.58
CA PRO D 9 4.82 -57.32 15.59
C PRO D 9 5.19 -57.96 14.25
N ASP D 10 4.75 -57.41 13.12
CA ASP D 10 5.11 -58.04 11.86
C ASP D 10 6.59 -57.87 11.56
N MET D 11 7.16 -56.71 11.90
CA MET D 11 8.60 -56.50 11.78
C MET D 11 9.38 -57.50 12.65
N LYS D 12 8.94 -57.67 13.89
CA LYS D 12 9.62 -58.59 14.81
C LYS D 12 9.62 -60.02 14.26
N ALA D 13 8.49 -60.46 13.71
CA ALA D 13 8.42 -61.79 13.13
C ALA D 13 9.45 -61.95 12.01
N PHE D 14 9.59 -60.94 11.15
CA PHE D 14 10.58 -61.00 10.08
C PHE D 14 11.99 -61.12 10.66
N LEU D 15 12.29 -60.31 11.69
CA LEU D 15 13.61 -60.35 12.30
C LEU D 15 13.91 -61.71 12.91
N GLU D 16 12.92 -62.33 13.56
CA GLU D 16 13.17 -63.61 14.20
C GLU D 16 13.34 -64.73 13.18
N ALA D 17 12.60 -64.66 12.06
CA ALA D 17 12.78 -65.65 11.00
C ALA D 17 14.17 -65.54 10.39
N ILE D 18 14.67 -64.31 10.23
CA ILE D 18 16.03 -64.13 9.76
C ILE D 18 17.02 -64.69 10.76
N ALA D 19 16.79 -64.45 12.05
CA ALA D 19 17.69 -64.96 13.07
C ALA D 19 17.69 -66.49 13.06
N ALA D 20 16.52 -67.10 12.90
CA ALA D 20 16.43 -68.57 12.88
C ALA D 20 17.21 -69.17 11.72
N MET D 21 17.23 -68.47 10.57
CA MET D 21 17.99 -68.99 9.44
C MET D 21 19.49 -68.97 9.70
N ALA D 22 19.95 -68.03 10.54
CA ALA D 22 21.35 -67.97 10.98
C ALA D 22 22.31 -67.98 9.79
N GLY D 23 22.01 -67.15 8.80
CA GLY D 23 22.78 -67.09 7.58
C GLY D 23 24.16 -66.49 7.76
N PRO D 24 24.97 -66.59 6.71
CA PRO D 24 26.34 -66.06 6.78
C PRO D 24 26.36 -64.53 6.72
N THR D 25 27.45 -63.97 7.23
CA THR D 25 27.72 -62.55 7.06
C THR D 25 28.20 -62.28 5.63
N LEU D 26 28.22 -61.00 5.27
CA LEU D 26 28.75 -60.61 3.97
C LEU D 26 30.21 -61.00 3.81
N ALA D 27 30.97 -60.93 4.91
CA ALA D 27 32.38 -61.30 4.85
C ALA D 27 32.57 -62.80 4.64
N GLU D 28 31.58 -63.60 5.03
CA GLU D 28 31.66 -65.04 4.88
C GLU D 28 31.16 -65.54 3.54
N MET D 29 30.57 -64.68 2.74
CA MET D 29 30.08 -65.05 1.42
C MET D 29 31.04 -64.55 0.36
N THR D 30 30.95 -65.15 -0.83
CA THR D 30 31.59 -64.51 -1.96
C THR D 30 30.78 -63.30 -2.39
N LEU D 31 31.42 -62.43 -3.17
CA LEU D 31 30.72 -61.26 -3.71
C LEU D 31 29.47 -61.67 -4.47
N GLU D 32 29.58 -62.66 -5.35
CA GLU D 32 28.42 -63.07 -6.13
C GLU D 32 27.39 -63.75 -5.26
N GLU D 33 27.82 -64.47 -4.21
CA GLU D 33 26.85 -65.02 -3.26
C GLU D 33 26.11 -63.90 -2.55
N ALA D 34 26.85 -62.88 -2.08
CA ALA D 34 26.24 -61.76 -1.39
C ALA D 34 25.22 -61.06 -2.29
N ARG D 35 25.58 -60.83 -3.55
CA ARG D 35 24.68 -60.15 -4.47
C ARG D 35 23.45 -61.01 -4.77
N ALA D 36 23.64 -62.33 -4.92
CA ALA D 36 22.50 -63.18 -5.22
C ALA D 36 21.54 -63.30 -4.03
N SER D 37 22.07 -63.32 -2.81
CA SER D 37 21.18 -63.43 -1.65
C SER D 37 20.32 -62.19 -1.48
N TYR D 38 20.86 -61.01 -1.83
CA TYR D 38 20.07 -59.79 -1.83
C TYR D 38 18.96 -59.86 -2.88
N VAL D 39 19.29 -60.32 -4.08
CA VAL D 39 18.26 -60.53 -5.10
C VAL D 39 17.18 -61.45 -4.56
N ALA D 40 17.59 -62.53 -3.89
CA ALA D 40 16.63 -63.53 -3.41
C ALA D 40 15.75 -62.97 -2.30
N LEU D 41 16.37 -62.27 -1.35
CA LEU D 41 15.63 -61.68 -0.23
C LEU D 41 14.51 -60.76 -0.73
N HIS D 42 14.86 -59.78 -1.57
CA HIS D 42 13.83 -58.89 -2.09
C HIS D 42 12.82 -59.63 -2.95
N GLY D 43 13.27 -60.69 -3.64
CA GLY D 43 12.34 -61.47 -4.44
C GLY D 43 11.24 -62.11 -3.62
N MET D 44 11.56 -62.52 -2.40
CA MET D 44 10.52 -63.12 -1.56
C MET D 44 9.85 -62.10 -0.66
N ALA D 45 10.58 -61.09 -0.19
CA ALA D 45 10.09 -60.23 0.89
C ALA D 45 9.36 -58.99 0.40
N ASP D 46 9.58 -58.56 -0.86
CA ASP D 46 8.88 -57.39 -1.33
C ASP D 46 7.57 -57.76 -2.02
N ARG D 47 6.66 -56.78 -2.05
CA ARG D 47 5.44 -56.94 -2.81
C ARG D 47 5.75 -57.12 -4.28
N PRO D 48 4.84 -57.71 -5.04
CA PRO D 48 5.08 -57.92 -6.47
C PRO D 48 5.14 -56.60 -7.22
N ALA D 49 5.75 -56.65 -8.40
CA ALA D 49 5.81 -55.47 -9.26
C ALA D 49 4.41 -55.05 -9.68
N ARG D 50 4.19 -53.74 -9.73
CA ARG D 50 2.97 -53.22 -10.36
C ARG D 50 3.03 -53.41 -11.86
N GLU D 51 1.85 -53.62 -12.45
CA GLU D 51 1.72 -53.58 -13.91
C GLU D 51 1.79 -52.13 -14.36
N LEU D 52 2.67 -51.85 -15.33
CA LEU D 52 2.81 -50.51 -15.86
C LEU D 52 2.77 -50.55 -17.38
N ALA D 53 2.33 -49.44 -17.98
CA ALA D 53 2.37 -49.31 -19.44
C ALA D 53 3.80 -49.40 -19.97
N VAL D 54 4.77 -48.83 -19.25
CA VAL D 54 6.13 -48.73 -19.76
C VAL D 54 7.09 -49.25 -18.69
N ILE D 55 7.86 -50.28 -19.05
CA ILE D 55 9.05 -50.70 -18.31
C ILE D 55 10.10 -50.99 -19.37
N ARG D 56 11.07 -50.09 -19.52
CA ARG D 56 11.90 -50.08 -20.71
C ARG D 56 13.35 -49.87 -20.33
N ASN D 57 14.23 -50.73 -20.82
CA ASN D 57 15.65 -50.54 -20.60
C ASN D 57 16.17 -49.48 -21.57
N LEU D 58 16.99 -48.57 -21.06
CA LEU D 58 17.66 -47.56 -21.85
C LEU D 58 19.10 -47.50 -21.39
N SER D 59 19.86 -46.57 -21.96
CA SER D 59 21.21 -46.34 -21.46
C SER D 59 21.60 -44.92 -21.81
N CYS D 60 22.59 -44.39 -21.10
CA CYS D 60 23.05 -43.05 -21.40
C CYS D 60 24.56 -43.03 -21.36
N PRO D 61 25.19 -42.08 -22.03
CA PRO D 61 26.65 -41.94 -21.96
C PRO D 61 27.10 -41.65 -20.54
N GLY D 62 28.18 -42.31 -20.13
CA GLY D 62 28.79 -42.06 -18.84
C GLY D 62 30.26 -41.77 -18.95
N PRO D 63 30.88 -41.35 -17.85
CA PRO D 63 32.32 -41.04 -17.90
C PRO D 63 33.21 -42.25 -18.09
N ALA D 64 32.70 -43.47 -17.84
CA ALA D 64 33.46 -44.69 -18.05
C ALA D 64 32.77 -45.65 -19.01
N GLY D 65 31.89 -45.15 -19.87
CA GLY D 65 31.09 -45.97 -20.74
C GLY D 65 29.62 -45.80 -20.46
N ASP D 66 28.82 -46.50 -21.26
CA ASP D 66 27.37 -46.38 -21.17
C ASP D 66 26.86 -46.83 -19.80
N ILE D 67 25.89 -46.10 -19.27
CA ILE D 67 25.26 -46.41 -17.99
C ILE D 67 23.91 -47.06 -18.30
N PRO D 68 23.66 -48.28 -17.87
CA PRO D 68 22.32 -48.87 -18.10
C PRO D 68 21.28 -48.19 -17.21
N LEU D 69 20.08 -48.03 -17.76
CA LEU D 69 18.97 -47.40 -17.06
C LEU D 69 17.71 -48.23 -17.27
N ARG D 70 16.75 -48.06 -16.39
CA ARG D 70 15.44 -48.65 -16.60
C ARG D 70 14.38 -47.60 -16.35
N LEU D 71 13.50 -47.41 -17.34
CA LEU D 71 12.43 -46.43 -17.27
C LEU D 71 11.13 -47.11 -16.87
N TYR D 72 10.44 -46.52 -15.90
CA TYR D 72 9.14 -46.99 -15.42
C TYR D 72 8.14 -45.87 -15.58
N ASP D 73 7.03 -46.16 -16.25
CA ASP D 73 6.01 -45.13 -16.39
C ASP D 73 4.65 -45.79 -16.50
N ALA D 74 3.69 -45.28 -15.71
CA ALA D 74 2.31 -45.73 -15.83
C ALA D 74 1.67 -45.31 -17.15
N ARG D 75 2.28 -44.38 -17.88
CA ARG D 75 1.73 -43.83 -19.11
C ARG D 75 2.71 -43.99 -20.25
N GLU D 76 2.21 -44.38 -21.42
CA GLU D 76 3.03 -44.37 -22.63
C GLU D 76 3.36 -42.96 -23.06
N SER D 77 2.46 -42.02 -22.78
CA SER D 77 2.57 -40.64 -23.26
C SER D 77 2.07 -39.71 -22.18
N ARG D 78 2.85 -38.68 -21.86
CA ARG D 78 2.46 -37.76 -20.78
C ARG D 78 2.97 -36.36 -21.06
N GLU D 79 2.34 -35.40 -20.38
CA GLU D 79 2.78 -34.01 -20.41
C GLU D 79 4.15 -33.86 -19.74
N ALA D 80 4.77 -32.72 -19.98
CA ALA D 80 6.02 -32.41 -19.31
C ALA D 80 5.81 -32.34 -17.80
N GLY D 81 6.82 -32.76 -17.06
CA GLY D 81 6.72 -32.78 -15.62
C GLY D 81 8.01 -33.24 -15.00
N PRO D 82 8.06 -33.30 -13.67
CA PRO D 82 9.27 -33.80 -13.01
C PRO D 82 9.46 -35.26 -13.36
N VAL D 83 10.73 -35.67 -13.45
CA VAL D 83 11.09 -37.07 -13.65
C VAL D 83 11.87 -37.53 -12.43
N ILE D 84 11.49 -38.68 -11.89
CA ILE D 84 12.15 -39.25 -10.72
C ILE D 84 13.38 -40.00 -11.18
N THR D 85 14.51 -39.77 -10.52
CA THR D 85 15.77 -40.44 -10.84
C THR D 85 16.21 -41.22 -9.60
N PHE D 86 16.21 -42.55 -9.72
CA PHE D 86 16.29 -43.44 -8.58
C PHE D 86 17.64 -44.16 -8.55
N TYR D 87 18.25 -44.23 -7.37
CA TYR D 87 19.52 -44.93 -7.15
C TYR D 87 19.32 -45.97 -6.05
N HIS D 88 19.67 -47.23 -6.34
CA HIS D 88 19.33 -48.31 -5.43
C HIS D 88 20.29 -48.41 -4.26
N GLY D 89 19.81 -49.01 -3.17
CA GLY D 89 20.64 -49.30 -2.02
C GLY D 89 21.45 -50.56 -2.23
N GLY D 90 22.27 -50.87 -1.23
CA GLY D 90 23.15 -52.03 -1.31
C GLY D 90 24.60 -51.71 -0.98
N GLY D 91 24.83 -50.60 -0.26
CA GLY D 91 26.16 -50.27 0.20
C GLY D 91 27.15 -49.85 -0.85
N PHE D 92 26.69 -49.61 -2.09
CA PHE D 92 27.51 -49.39 -3.27
C PHE D 92 28.24 -50.66 -3.71
N VAL D 93 27.83 -51.81 -3.20
CA VAL D 93 28.46 -53.08 -3.51
C VAL D 93 27.47 -54.09 -4.11
N ILE D 94 26.27 -54.17 -3.55
CA ILE D 94 25.25 -55.10 -4.03
C ILE D 94 24.05 -54.32 -4.53
N GLY D 95 23.03 -55.03 -5.00
CA GLY D 95 21.88 -54.40 -5.62
C GLY D 95 22.11 -54.10 -7.10
N ASP D 96 21.00 -53.95 -7.81
CA ASP D 96 21.02 -53.62 -9.24
C ASP D 96 19.62 -53.15 -9.64
N LEU D 97 19.32 -53.20 -10.94
CA LEU D 97 18.01 -52.78 -11.40
C LEU D 97 16.90 -53.74 -10.98
N ASP D 98 17.25 -55.00 -10.71
CA ASP D 98 16.24 -55.98 -10.34
C ASP D 98 15.94 -56.01 -8.84
N THR D 99 16.94 -55.75 -7.99
CA THR D 99 16.68 -55.82 -6.55
C THR D 99 15.66 -54.78 -6.11
N HIS D 100 15.58 -53.65 -6.83
CA HIS D 100 14.68 -52.57 -6.46
C HIS D 100 13.62 -52.34 -7.52
N HIS D 101 13.47 -53.29 -8.45
CA HIS D 101 12.50 -53.18 -9.53
C HIS D 101 11.08 -52.99 -9.01
N ASN D 102 10.64 -53.85 -8.08
CA ASN D 102 9.26 -53.79 -7.63
C ASN D 102 8.98 -52.45 -6.95
N LEU D 103 9.93 -51.98 -6.14
CA LEU D 103 9.78 -50.68 -5.50
C LEU D 103 9.67 -49.57 -6.54
N CYS D 104 10.50 -49.63 -7.59
CA CYS D 104 10.40 -48.62 -8.64
C CYS D 104 9.04 -48.64 -9.31
N THR D 105 8.49 -49.83 -9.59
CA THR D 105 7.15 -49.86 -10.17
C THR D 105 6.14 -49.27 -9.21
N GLU D 106 6.34 -49.45 -7.92
CA GLU D 106 5.37 -48.92 -6.94
C GLU D 106 5.42 -47.41 -6.89
N ILE D 107 6.62 -46.84 -6.86
CA ILE D 107 6.77 -45.38 -6.86
C ILE D 107 6.18 -44.79 -8.14
N ALA D 108 6.47 -45.41 -9.29
CA ALA D 108 5.91 -44.92 -10.55
C ALA D 108 4.38 -44.99 -10.54
N ALA D 109 3.82 -46.11 -10.05
CA ALA D 109 2.37 -46.22 -10.05
C ALA D 109 1.73 -45.22 -9.09
N LEU D 110 2.30 -45.06 -7.90
CA LEU D 110 1.66 -44.21 -6.89
C LEU D 110 1.86 -42.73 -7.17
N MET D 111 2.99 -42.34 -7.76
CA MET D 111 3.21 -40.93 -8.05
C MET D 111 2.63 -40.48 -9.39
N ASP D 112 2.37 -41.41 -10.31
CA ASP D 112 2.00 -41.07 -11.68
C ASP D 112 3.03 -40.10 -12.27
N LEU D 113 4.30 -40.40 -12.02
CA LEU D 113 5.44 -39.76 -12.64
C LEU D 113 6.37 -40.83 -13.19
N PRO D 114 7.18 -40.51 -14.19
CA PRO D 114 8.16 -41.47 -14.67
C PRO D 114 9.29 -41.62 -13.68
N VAL D 115 9.83 -42.84 -13.60
CA VAL D 115 10.96 -43.18 -12.75
C VAL D 115 12.06 -43.73 -13.64
N VAL D 116 13.27 -43.20 -13.49
CA VAL D 116 14.45 -43.72 -14.19
C VAL D 116 15.43 -44.23 -13.14
N ALA D 117 15.60 -45.55 -13.07
CA ALA D 117 16.54 -46.17 -12.14
C ALA D 117 17.90 -46.31 -12.80
N VAL D 118 18.96 -46.15 -12.01
CA VAL D 118 20.33 -46.10 -12.53
C VAL D 118 21.09 -47.36 -12.12
N ASP D 119 21.67 -48.03 -13.10
CA ASP D 119 22.53 -49.19 -12.86
C ASP D 119 23.99 -48.71 -12.77
N TYR D 120 24.30 -48.08 -11.64
CA TYR D 120 25.59 -47.46 -11.49
C TYR D 120 26.67 -48.49 -11.17
N ARG D 121 27.92 -48.13 -11.45
CA ARG D 121 29.05 -49.02 -11.21
C ARG D 121 29.20 -49.33 -9.73
N LEU D 122 29.53 -50.58 -9.42
CA LEU D 122 29.58 -51.08 -8.05
C LEU D 122 31.01 -51.36 -7.61
N ALA D 123 31.24 -51.19 -6.31
CA ALA D 123 32.45 -51.60 -5.64
C ALA D 123 32.34 -53.08 -5.24
N PRO D 124 33.49 -53.75 -4.97
CA PRO D 124 34.88 -53.28 -4.97
C PRO D 124 35.48 -53.13 -6.37
N GLU D 125 34.80 -53.64 -7.40
CA GLU D 125 35.31 -53.53 -8.76
C GLU D 125 35.55 -52.07 -9.13
N HIS D 126 34.61 -51.19 -8.78
CA HIS D 126 34.72 -49.77 -9.05
C HIS D 126 34.51 -49.01 -7.76
N PRO D 127 35.59 -48.62 -7.07
CA PRO D 127 35.44 -47.92 -5.80
C PRO D 127 34.97 -46.49 -6.02
N PHE D 128 34.69 -45.82 -4.89
CA PHE D 128 34.41 -44.40 -4.83
C PHE D 128 35.41 -43.65 -5.70
N PRO D 129 34.97 -42.69 -6.54
CA PRO D 129 33.61 -42.15 -6.65
C PRO D 129 32.79 -42.70 -7.81
N ALA D 130 33.05 -43.93 -8.25
CA ALA D 130 32.45 -44.42 -9.50
C ALA D 130 30.93 -44.38 -9.44
N ALA D 131 30.34 -44.84 -8.34
CA ALA D 131 28.88 -44.85 -8.22
C ALA D 131 28.32 -43.43 -8.36
N ILE D 132 28.94 -42.47 -7.67
CA ILE D 132 28.50 -41.08 -7.74
C ILE D 132 28.62 -40.55 -9.16
N GLU D 133 29.75 -40.84 -9.83
CA GLU D 133 29.93 -40.38 -11.20
C GLU D 133 28.79 -40.81 -12.09
N ASP D 134 28.36 -42.07 -11.97
CA ASP D 134 27.30 -42.59 -12.81
C ASP D 134 25.95 -42.01 -12.43
N CYS D 135 25.67 -41.91 -11.13
CA CYS D 135 24.40 -41.34 -10.70
C CYS D 135 24.28 -39.89 -11.16
N GLU D 136 25.35 -39.12 -11.02
CA GLU D 136 25.31 -37.74 -11.49
C GLU D 136 25.10 -37.69 -12.99
N ALA D 137 25.87 -38.50 -13.74
CA ALA D 137 25.79 -38.46 -15.19
C ALA D 137 24.38 -38.80 -15.68
N ALA D 138 23.80 -39.87 -15.13
CA ALA D 138 22.46 -40.30 -15.56
C ALA D 138 21.41 -39.25 -15.22
N THR D 139 21.54 -38.61 -14.05
CA THR D 139 20.55 -37.60 -13.66
C THR D 139 20.61 -36.38 -14.58
N ARG D 140 21.83 -35.94 -14.93
CA ARG D 140 21.96 -34.84 -15.89
C ARG D 140 21.38 -35.23 -17.23
N TRP D 141 21.63 -36.46 -17.67
CA TRP D 141 21.08 -36.93 -18.95
C TRP D 141 19.57 -36.86 -18.95
N VAL D 142 18.94 -37.41 -17.89
CA VAL D 142 17.48 -37.33 -17.77
C VAL D 142 17.04 -35.88 -17.78
N ALA D 143 17.77 -35.02 -17.07
CA ALA D 143 17.41 -33.61 -16.95
C ALA D 143 17.45 -32.89 -18.29
N SER D 144 18.16 -33.42 -19.27
CA SER D 144 18.26 -32.79 -20.59
C SER D 144 17.07 -33.12 -21.49
N SER D 145 16.13 -33.93 -21.02
CA SER D 145 14.99 -34.37 -21.81
C SER D 145 15.45 -34.95 -23.15
N PRO D 146 16.26 -35.99 -23.14
CA PRO D 146 16.71 -36.58 -24.40
C PRO D 146 15.55 -37.24 -25.14
N SER D 147 15.65 -37.21 -26.47
CA SER D 147 14.61 -37.82 -27.30
C SER D 147 14.33 -39.25 -26.87
N GLU D 148 15.38 -40.01 -26.55
CA GLU D 148 15.21 -41.42 -26.23
C GLU D 148 14.42 -41.65 -24.95
N LEU D 149 14.34 -40.64 -24.08
CA LEU D 149 13.56 -40.78 -22.84
C LEU D 149 12.06 -40.87 -23.11
N GLY D 150 11.57 -40.19 -24.15
CA GLY D 150 10.18 -40.27 -24.53
C GLY D 150 9.23 -39.44 -23.70
N ARG D 151 9.75 -38.63 -22.77
CA ARG D 151 8.92 -37.67 -22.06
C ARG D 151 9.82 -36.51 -21.64
N THR D 152 9.23 -35.34 -21.43
CA THR D 152 9.99 -34.13 -21.13
C THR D 152 10.06 -33.91 -19.63
N ALA D 153 11.28 -33.64 -19.14
CA ALA D 153 11.50 -33.33 -17.74
C ALA D 153 11.46 -31.83 -17.53
N SER D 154 10.57 -31.37 -16.64
CA SER D 154 10.59 -29.99 -16.17
C SER D 154 11.46 -29.81 -14.94
N GLY D 155 11.90 -30.91 -14.36
CA GLY D 155 12.71 -30.94 -13.14
C GLY D 155 13.00 -32.39 -12.88
N VAL D 156 13.93 -32.63 -11.95
CA VAL D 156 14.25 -34.00 -11.57
C VAL D 156 14.06 -34.16 -10.07
N ILE D 157 13.78 -35.40 -9.66
CA ILE D 157 13.58 -35.77 -8.27
C ILE D 157 14.51 -36.93 -7.93
N PRO D 158 15.72 -36.65 -7.43
CA PRO D 158 16.58 -37.73 -6.96
C PRO D 158 15.96 -38.43 -5.75
N ILE D 159 16.03 -39.76 -5.75
CA ILE D 159 15.48 -40.57 -4.68
C ILE D 159 16.32 -41.85 -4.62
N GLY D 160 16.47 -42.39 -3.42
CA GLY D 160 17.21 -43.64 -3.29
C GLY D 160 17.25 -44.05 -1.83
N ASP D 161 17.49 -45.35 -1.63
CA ASP D 161 17.51 -45.97 -0.31
C ASP D 161 18.95 -46.31 0.06
N SER D 162 19.31 -46.06 1.33
CA SER D 162 20.59 -46.50 1.90
C SER D 162 21.72 -45.83 1.14
N ALA D 163 22.63 -46.58 0.47
CA ALA D 163 23.64 -45.96 -0.36
C ALA D 163 23.02 -45.08 -1.43
N GLY D 164 21.84 -45.45 -1.94
CA GLY D 164 21.16 -44.61 -2.91
C GLY D 164 20.65 -43.33 -2.30
N GLY D 165 20.38 -43.33 -0.99
CA GLY D 165 20.05 -42.08 -0.31
C GLY D 165 21.26 -41.19 -0.16
N ASN D 166 22.43 -41.78 0.09
CA ASN D 166 23.69 -41.05 0.01
C ASN D 166 23.85 -40.43 -1.38
N ALA D 167 23.66 -41.25 -2.42
CA ALA D 167 23.78 -40.76 -3.80
C ALA D 167 22.78 -39.65 -4.09
N THR D 168 21.56 -39.78 -3.57
CA THR D 168 20.53 -38.74 -3.73
C THR D 168 21.06 -37.38 -3.30
N ILE D 169 21.59 -37.30 -2.08
CA ILE D 169 22.07 -36.01 -1.56
C ILE D 169 23.26 -35.53 -2.36
N VAL D 170 24.21 -36.41 -2.67
CA VAL D 170 25.40 -36.01 -3.42
C VAL D 170 25.01 -35.47 -4.79
N VAL D 171 24.07 -36.14 -5.47
CA VAL D 171 23.62 -35.65 -6.77
C VAL D 171 22.99 -34.26 -6.64
N SER D 172 22.14 -34.08 -5.63
CA SER D 172 21.52 -32.79 -5.41
C SER D 172 22.58 -31.71 -5.16
N GLN D 173 23.62 -32.04 -4.42
CA GLN D 173 24.68 -31.06 -4.19
C GLN D 173 25.46 -30.77 -5.46
N LEU D 174 25.74 -31.80 -6.27
CA LEU D 174 26.51 -31.59 -7.49
C LEU D 174 25.74 -30.76 -8.50
N LEU D 175 24.45 -31.06 -8.66
CA LEU D 175 23.61 -30.27 -9.55
C LEU D 175 23.33 -28.89 -8.98
N GLY D 176 23.30 -28.76 -7.65
CA GLY D 176 23.20 -27.43 -7.06
C GLY D 176 24.39 -26.56 -7.40
N ALA D 177 25.59 -27.14 -7.39
CA ALA D 177 26.80 -26.38 -7.68
C ALA D 177 26.96 -26.12 -9.18
N LYS D 178 26.60 -27.10 -10.01
CA LYS D 178 26.67 -26.97 -11.46
C LYS D 178 25.33 -27.44 -12.03
N PRO D 179 24.39 -26.52 -12.26
CA PRO D 179 23.03 -26.91 -12.63
C PRO D 179 22.98 -27.76 -13.90
N ALA D 180 22.02 -28.67 -13.92
CA ALA D 180 21.65 -29.40 -15.13
C ALA D 180 20.65 -28.54 -15.90
N ASP D 181 20.07 -29.09 -16.99
CA ASP D 181 19.16 -28.30 -17.81
C ASP D 181 17.89 -27.93 -17.05
N VAL D 182 17.50 -28.71 -16.06
CA VAL D 182 16.36 -28.35 -15.21
C VAL D 182 16.78 -28.56 -13.77
N PRO D 183 16.09 -27.92 -12.82
CA PRO D 183 16.53 -28.01 -11.42
C PRO D 183 16.09 -29.31 -10.75
N VAL D 184 16.79 -29.63 -9.66
CA VAL D 184 16.29 -30.59 -8.69
C VAL D 184 15.13 -29.92 -7.96
N VAL D 185 13.90 -30.41 -8.16
CA VAL D 185 12.75 -29.77 -7.52
C VAL D 185 12.42 -30.39 -6.17
N LEU D 186 12.97 -31.55 -5.87
CA LEU D 186 12.71 -32.27 -4.63
C LEU D 186 13.73 -33.40 -4.58
N GLN D 187 14.22 -33.71 -3.39
CA GLN D 187 15.04 -34.90 -3.21
C GLN D 187 14.48 -35.74 -2.08
N VAL D 188 14.61 -37.07 -2.21
CA VAL D 188 14.02 -37.99 -1.24
C VAL D 188 15.07 -39.01 -0.80
N PRO D 189 16.00 -38.64 0.08
CA PRO D 189 16.94 -39.64 0.63
C PRO D 189 16.25 -40.50 1.69
N ILE D 190 16.24 -41.82 1.46
CA ILE D 190 15.56 -42.77 2.30
C ILE D 190 16.61 -43.59 3.04
N PHE D 191 16.47 -43.66 4.37
CA PHE D 191 17.51 -44.05 5.34
C PHE D 191 18.90 -43.87 4.76
N PRO D 192 19.30 -42.63 4.48
CA PRO D 192 20.57 -42.36 3.83
C PRO D 192 21.74 -42.46 4.81
N LEU D 193 22.91 -42.75 4.24
CA LEU D 193 24.17 -42.45 4.89
C LEU D 193 24.60 -41.06 4.44
N ALA D 194 24.51 -40.08 5.34
CA ALA D 194 24.89 -38.71 5.05
C ALA D 194 26.13 -38.29 5.83
N SER D 195 26.16 -38.59 7.13
CA SER D 195 27.34 -38.45 7.97
C SER D 195 27.90 -39.83 8.30
N ASP D 196 29.19 -39.86 8.63
CA ASP D 196 29.82 -41.10 9.07
C ASP D 196 29.10 -41.66 10.28
N ALA D 197 28.71 -42.94 10.21
CA ALA D 197 27.98 -43.56 11.30
C ALA D 197 28.88 -43.92 12.49
N VAL D 198 30.19 -44.01 12.29
CA VAL D 198 31.07 -44.41 13.39
C VAL D 198 30.97 -43.41 14.52
N GLY D 199 30.70 -43.90 15.72
CA GLY D 199 30.52 -43.06 16.89
C GLY D 199 29.09 -42.66 17.19
N SER D 200 28.14 -43.00 16.33
CA SER D 200 26.75 -42.62 16.55
C SER D 200 26.10 -43.56 17.56
N ALA D 201 25.20 -43.00 18.37
CA ALA D 201 24.43 -43.80 19.31
C ALA D 201 23.65 -44.90 18.58
N SER D 202 23.10 -44.59 17.40
CA SER D 202 22.29 -45.58 16.71
C SER D 202 23.14 -46.77 16.27
N LEU D 203 24.37 -46.53 15.81
CA LEU D 203 25.20 -47.63 15.32
C LEU D 203 25.44 -48.66 16.42
N GLU D 204 25.69 -48.19 17.65
CA GLU D 204 25.92 -49.12 18.75
C GLU D 204 24.64 -49.79 19.21
N ALA D 205 23.54 -49.03 19.29
CA ALA D 205 22.30 -49.62 19.79
C ALA D 205 21.76 -50.69 18.85
N PHE D 206 21.99 -50.55 17.55
CA PHE D 206 21.39 -51.43 16.55
C PHE D 206 22.47 -52.17 15.75
N ALA D 207 23.64 -52.36 16.38
CA ALA D 207 24.78 -53.00 15.70
C ALA D 207 24.44 -54.39 15.19
N GLU D 208 23.54 -55.11 15.86
CA GLU D 208 23.25 -56.48 15.48
C GLU D 208 21.76 -56.76 15.60
N GLY D 209 21.26 -57.61 14.71
CA GLY D 209 19.90 -58.10 14.81
C GLY D 209 18.83 -57.24 14.17
N PHE D 210 19.19 -56.20 13.40
CA PHE D 210 18.19 -55.34 12.78
C PHE D 210 18.41 -55.24 11.27
N VAL D 211 18.59 -56.40 10.61
CA VAL D 211 18.79 -56.55 9.17
C VAL D 211 20.13 -55.95 8.74
N LEU D 212 20.26 -54.62 8.81
CA LEU D 212 21.55 -53.98 8.54
C LEU D 212 22.40 -54.03 9.81
N THR D 213 23.59 -54.60 9.71
CA THR D 213 24.48 -54.79 10.84
C THR D 213 25.69 -53.88 10.74
N LYS D 214 26.33 -53.66 11.88
CA LYS D 214 27.61 -52.94 11.90
C LYS D 214 28.66 -53.64 11.04
N ALA D 215 28.67 -54.97 11.08
CA ALA D 215 29.62 -55.74 10.26
C ALA D 215 29.43 -55.46 8.77
N SER D 216 28.17 -55.43 8.31
CA SER D 216 27.92 -55.14 6.90
C SER D 216 28.32 -53.71 6.54
N ILE D 217 28.04 -52.75 7.43
CA ILE D 217 28.45 -51.37 7.18
C ILE D 217 29.96 -51.29 6.98
N GLU D 218 30.72 -51.99 7.82
CA GLU D 218 32.17 -52.02 7.67
C GLU D 218 32.59 -52.72 6.39
N PHE D 219 31.89 -53.82 6.05
CA PHE D 219 32.17 -54.53 4.79
C PHE D 219 31.99 -53.62 3.59
N PHE D 220 30.85 -52.92 3.51
CA PHE D 220 30.63 -51.99 2.41
C PHE D 220 31.70 -50.91 2.38
N ASP D 221 32.02 -50.35 3.56
CA ASP D 221 32.98 -49.27 3.63
C ASP D 221 34.34 -49.71 3.11
N THR D 222 34.78 -50.92 3.48
CA THR D 222 36.06 -51.43 3.01
C THR D 222 36.08 -51.56 1.49
N ALA D 223 34.95 -51.95 0.90
CA ALA D 223 34.90 -52.14 -0.55
C ALA D 223 34.85 -50.80 -1.27
N TYR D 224 34.06 -49.85 -0.76
CA TYR D 224 33.80 -48.60 -1.49
C TYR D 224 34.94 -47.62 -1.31
N LYS D 225 35.54 -47.57 -0.12
CA LYS D 225 36.69 -46.71 0.17
C LYS D 225 36.40 -45.25 -0.12
N ALA D 226 35.27 -44.76 0.39
CA ALA D 226 34.96 -43.34 0.25
C ALA D 226 35.91 -42.52 1.12
N ASP D 227 36.33 -41.37 0.58
CA ASP D 227 37.21 -40.46 1.29
C ASP D 227 36.42 -39.73 2.37
N ARG D 228 36.84 -39.87 3.63
CA ARG D 228 36.08 -39.32 4.75
C ARG D 228 36.00 -37.80 4.73
N ALA D 229 36.91 -37.12 4.02
CA ALA D 229 36.90 -35.68 3.94
C ALA D 229 36.20 -35.16 2.70
N ASP D 230 35.60 -36.04 1.90
CA ASP D 230 35.03 -35.69 0.61
C ASP D 230 33.52 -35.62 0.74
N PRO D 231 32.89 -34.48 0.45
CA PRO D 231 31.42 -34.42 0.53
C PRO D 231 30.73 -35.35 -0.45
N ARG D 232 31.40 -35.79 -1.53
CA ARG D 232 30.79 -36.79 -2.39
C ARG D 232 30.71 -38.15 -1.71
N GLY D 233 31.52 -38.36 -0.67
CA GLY D 233 31.43 -39.57 0.12
C GLY D 233 30.53 -39.39 1.33
N PHE D 234 30.61 -38.22 1.96
CA PHE D 234 29.86 -37.93 3.18
C PHE D 234 29.22 -36.55 3.03
N PRO D 235 28.04 -36.48 2.43
CA PRO D 235 27.47 -35.20 2.03
C PRO D 235 27.00 -34.32 3.19
N ILE D 236 27.04 -34.80 4.43
CA ILE D 236 26.88 -33.89 5.56
C ILE D 236 27.92 -32.78 5.49
N LEU D 237 29.06 -33.04 4.85
CA LEU D 237 30.12 -32.05 4.68
C LEU D 237 29.82 -31.03 3.58
N GLY D 238 28.77 -31.25 2.80
CA GLY D 238 28.49 -30.37 1.68
C GLY D 238 27.90 -29.04 2.11
N ASP D 239 27.69 -28.18 1.11
CA ASP D 239 27.07 -26.87 1.30
C ASP D 239 25.56 -27.05 1.28
N HIS D 240 24.91 -26.84 2.43
CA HIS D 240 23.47 -27.02 2.53
C HIS D 240 22.68 -25.76 2.25
N THR D 241 23.34 -24.62 2.00
CA THR D 241 22.62 -23.36 1.99
C THR D 241 21.63 -23.24 0.84
N ALA D 242 21.78 -24.02 -0.22
CA ALA D 242 20.81 -24.01 -1.31
C ALA D 242 20.24 -25.40 -1.59
N ALA D 243 20.18 -26.25 -0.56
CA ALA D 243 19.61 -27.58 -0.76
C ALA D 243 18.19 -27.47 -1.30
N PRO D 244 17.80 -28.35 -2.22
CA PRO D 244 16.42 -28.36 -2.71
C PRO D 244 15.46 -28.80 -1.61
N PRO D 245 14.15 -28.60 -1.81
CA PRO D 245 13.18 -29.17 -0.88
C PRO D 245 13.47 -30.65 -0.69
N THR D 246 13.36 -31.12 0.56
CA THR D 246 13.86 -32.45 0.91
C THR D 246 12.84 -33.21 1.75
N ILE D 247 12.74 -34.51 1.51
CA ILE D 247 12.08 -35.43 2.41
C ILE D 247 13.12 -36.45 2.86
N VAL D 248 13.42 -36.45 4.16
CA VAL D 248 14.34 -37.43 4.74
C VAL D 248 13.48 -38.46 5.47
N ALA D 249 13.55 -39.71 5.05
CA ALA D 249 12.86 -40.81 5.72
C ALA D 249 13.89 -41.71 6.38
N THR D 250 13.70 -42.01 7.67
CA THR D 250 14.60 -42.89 8.40
C THR D 250 13.76 -43.99 9.05
N ALA D 251 14.46 -44.94 9.70
CA ALA D 251 13.80 -45.98 10.47
C ALA D 251 14.33 -45.94 11.89
N SER D 252 13.43 -46.17 12.86
CA SER D 252 13.80 -45.98 14.26
C SER D 252 14.78 -47.04 14.76
N LEU D 253 14.81 -48.21 14.13
CA LEU D 253 15.68 -49.32 14.51
C LEU D 253 16.91 -49.45 13.62
N ASP D 254 17.32 -48.39 12.97
CA ASP D 254 18.37 -48.40 11.95
C ASP D 254 19.70 -47.99 12.57
N PRO D 255 20.77 -48.78 12.43
CA PRO D 255 22.07 -48.31 12.95
C PRO D 255 22.54 -47.00 12.34
N ILE D 256 22.12 -46.65 11.13
CA ILE D 256 22.50 -45.36 10.54
C ILE D 256 21.36 -44.33 10.63
N ARG D 257 20.38 -44.59 11.50
CA ARG D 257 19.29 -43.64 11.74
C ARG D 257 19.82 -42.26 12.10
N ASP D 258 20.83 -42.19 12.96
CA ASP D 258 21.33 -40.88 13.41
C ASP D 258 21.98 -40.10 12.28
N SER D 259 22.50 -40.78 11.26
CA SER D 259 23.03 -40.08 10.08
C SER D 259 21.92 -39.32 9.36
N GLY D 260 20.73 -39.93 9.26
CA GLY D 260 19.61 -39.23 8.67
C GLY D 260 19.09 -38.09 9.53
N ARG D 261 19.00 -38.31 10.85
CA ARG D 261 18.69 -37.19 11.75
C ARG D 261 19.68 -36.04 11.56
N ASP D 262 20.97 -36.36 11.51
CA ASP D 262 21.99 -35.33 11.36
C ASP D 262 21.77 -34.52 10.09
N TYR D 263 21.46 -35.20 8.97
CA TYR D 263 21.26 -34.48 7.72
C TYR D 263 20.04 -33.57 7.79
N ALA D 264 18.92 -34.08 8.30
CA ALA D 264 17.73 -33.24 8.39
C ALA D 264 17.98 -32.04 9.30
N LYS D 265 18.65 -32.25 10.43
CA LYS D 265 19.00 -31.12 11.30
C LYS D 265 19.86 -30.10 10.56
N ALA D 266 20.78 -30.55 9.73
CA ALA D 266 21.64 -29.63 9.01
C ALA D 266 20.84 -28.80 8.01
N LEU D 267 19.83 -29.38 7.39
CA LEU D 267 18.98 -28.61 6.48
C LEU D 267 18.19 -27.54 7.22
N VAL D 268 17.62 -27.90 8.38
CA VAL D 268 16.91 -26.90 9.18
C VAL D 268 17.86 -25.79 9.60
N GLU D 269 19.06 -26.16 10.04
CA GLU D 269 20.06 -25.17 10.44
C GLU D 269 20.34 -24.19 9.30
N ALA D 270 20.33 -24.70 8.06
CA ALA D 270 20.56 -23.86 6.89
C ALA D 270 19.30 -23.18 6.38
N GLY D 271 18.16 -23.36 7.03
CA GLY D 271 16.93 -22.70 6.60
C GLY D 271 16.22 -23.34 5.43
N ARG D 272 16.47 -24.63 5.15
CA ARG D 272 15.91 -25.29 4.00
C ARG D 272 14.62 -26.03 4.38
N ASP D 273 13.70 -26.15 3.42
CA ASP D 273 12.46 -26.87 3.68
C ASP D 273 12.73 -28.37 3.72
N VAL D 274 12.25 -29.02 4.77
CA VAL D 274 12.50 -30.44 4.90
C VAL D 274 11.34 -31.09 5.66
N VAL D 275 10.91 -32.24 5.17
CA VAL D 275 10.02 -33.14 5.89
C VAL D 275 10.89 -34.25 6.47
N TYR D 276 10.85 -34.40 7.79
CA TYR D 276 11.59 -35.48 8.46
C TYR D 276 10.59 -36.51 8.96
N LEU D 277 10.67 -37.73 8.43
CA LEU D 277 9.79 -38.83 8.84
C LEU D 277 10.65 -39.97 9.37
N GLU D 278 10.42 -40.36 10.63
CA GLU D 278 11.14 -41.47 11.24
C GLU D 278 10.12 -42.56 11.51
N MET D 279 10.16 -43.62 10.69
CA MET D 279 9.17 -44.68 10.79
C MET D 279 9.42 -45.50 12.04
N GLU D 280 8.38 -45.68 12.86
CA GLU D 280 8.51 -46.26 14.20
C GLU D 280 8.37 -47.77 14.18
N GLY D 281 9.35 -48.46 14.76
CA GLY D 281 9.28 -49.90 14.93
C GLY D 281 9.65 -50.72 13.72
N VAL D 282 10.37 -50.13 12.76
CA VAL D 282 10.82 -50.84 11.58
C VAL D 282 12.32 -50.58 11.39
N THR D 283 12.95 -51.43 10.59
CA THR D 283 14.38 -51.42 10.37
C THR D 283 14.75 -50.70 9.08
N HIS D 284 16.05 -50.50 8.92
CA HIS D 284 16.67 -50.25 7.63
C HIS D 284 16.09 -51.18 6.57
N GLY D 285 15.90 -50.64 5.37
CA GLY D 285 15.44 -51.43 4.23
C GLY D 285 13.96 -51.66 4.14
N PHE D 286 13.13 -50.93 4.91
CA PHE D 286 11.71 -51.24 4.95
C PHE D 286 11.01 -51.02 3.60
N THR D 287 11.61 -50.24 2.70
CA THR D 287 10.97 -50.01 1.40
C THR D 287 10.87 -51.27 0.54
N ASN D 288 11.63 -52.32 0.85
CA ASN D 288 11.73 -53.48 -0.04
C ASN D 288 11.31 -54.78 0.65
N ILE D 289 10.63 -54.69 1.79
CA ILE D 289 10.16 -55.88 2.50
C ILE D 289 8.66 -55.77 2.72
N ARG D 290 7.95 -55.22 1.74
CA ARG D 290 6.57 -54.82 1.93
C ARG D 290 5.58 -55.98 1.87
N ALA D 291 6.02 -57.18 1.46
CA ALA D 291 5.21 -58.38 1.60
C ALA D 291 5.51 -59.12 2.89
N ALA D 292 6.79 -59.23 3.25
CA ALA D 292 7.16 -59.93 4.48
C ALA D 292 6.71 -59.15 5.71
N VAL D 293 6.72 -57.82 5.63
CA VAL D 293 6.32 -56.95 6.73
C VAL D 293 5.25 -56.02 6.16
N PRO D 294 3.99 -56.45 6.10
CA PRO D 294 3.01 -55.68 5.32
C PRO D 294 2.81 -54.26 5.83
N SER D 295 3.09 -53.97 7.10
CA SER D 295 2.96 -52.61 7.59
C SER D 295 3.91 -51.63 6.89
N THR D 296 5.00 -52.12 6.28
CA THR D 296 5.93 -51.21 5.62
C THR D 296 5.38 -50.63 4.33
N GLN D 297 4.36 -51.24 3.74
CA GLN D 297 3.67 -50.59 2.62
C GLN D 297 3.12 -49.24 3.05
N GLY D 298 2.54 -49.18 4.25
CA GLY D 298 2.05 -47.91 4.77
C GLY D 298 3.15 -46.88 4.95
N ASP D 299 4.35 -47.33 5.34
CA ASP D 299 5.47 -46.40 5.48
C ASP D 299 5.85 -45.80 4.14
N LEU D 300 5.93 -46.64 3.11
CA LEU D 300 6.17 -46.12 1.77
C LEU D 300 5.09 -45.14 1.35
N GLU D 301 3.83 -45.46 1.65
CA GLU D 301 2.74 -44.58 1.24
C GLU D 301 2.80 -43.23 1.94
N ARG D 302 3.33 -43.17 3.17
CA ARG D 302 3.53 -41.88 3.83
C ARG D 302 4.59 -41.06 3.10
N ILE D 303 5.65 -41.72 2.64
CA ILE D 303 6.67 -41.00 1.87
C ILE D 303 6.08 -40.45 0.59
N ILE D 304 5.27 -41.25 -0.10
CA ILE D 304 4.59 -40.82 -1.33
C ILE D 304 3.70 -39.61 -1.06
N ALA D 305 2.93 -39.66 0.02
CA ALA D 305 2.04 -38.53 0.31
C ALA D 305 2.86 -37.27 0.61
N ALA D 306 3.99 -37.41 1.31
CA ALA D 306 4.87 -36.26 1.53
C ALA D 306 5.43 -35.73 0.22
N MET D 307 5.79 -36.63 -0.70
CA MET D 307 6.30 -36.20 -1.99
C MET D 307 5.27 -35.39 -2.76
N LYS D 308 4.02 -35.87 -2.79
CA LYS D 308 2.98 -35.14 -3.50
C LYS D 308 2.76 -33.77 -2.89
N MET D 309 2.69 -33.69 -1.56
CA MET D 309 2.57 -32.41 -0.89
C MET D 309 3.72 -31.48 -1.25
N MET D 310 4.96 -31.99 -1.22
CA MET D 310 6.10 -31.11 -1.46
C MET D 310 6.24 -30.71 -2.92
N LEU D 311 5.62 -31.44 -3.85
CA LEU D 311 5.61 -31.03 -5.25
C LEU D 311 4.48 -30.09 -5.58
N GLY D 312 3.50 -29.93 -4.69
CA GLY D 312 2.36 -29.08 -4.97
C GLY D 312 1.25 -29.82 -5.69
#